data_6KR5
#
_entry.id   6KR5
#
_cell.length_a   80.505
_cell.length_b   85.874
_cell.length_c   91.164
_cell.angle_alpha   90.000
_cell.angle_beta   90.000
_cell.angle_gamma   90.000
#
_symmetry.space_group_name_H-M   'P 21 21 21'
#
loop_
_entity.id
_entity.type
_entity.pdbx_description
1 polymer 'Cysteine synthase 3'
2 non-polymer "PYRIDOXAL-5'-PHOSPHATE"
3 water water
#
_entity_poly.entity_id   1
_entity_poly.type   'polypeptide(L)'
_entity_poly.pdbx_seq_one_letter_code
;MQNITINTPRKRIYHNILETIGGTPLVELHGVTDHPSIKKNTKILVKLECFNPMSSVKDRVGFNIIYQAIKDGRLKPGME
IIEATSGNTGIGLCQAGAVFGYPVNIVMPSTMSVERQMIMKAFGANLVLSDGTKGMPGAIAKYEELIKQHPNKYFPANQF
GNPDNTAAHVYTANEIWEDTNGEVDIIVSAVGTAGTVIGVGENLKKKKKGVKVVAVEPAESAVLSGKPKGPHGIQGIGAG
FVTDIYKKEVVDEITPIKTQDAWKMARAVVKYDGIMCGMSSGAAILAGLKEAGKVENEGKTIVIILPDCGERYLSTDLYK
TIEEGTKQQVLDSLLLHH
;
_entity_poly.pdbx_strand_id   A,B
#
loop_
_chem_comp.id
_chem_comp.type
_chem_comp.name
_chem_comp.formula
PLP non-polymer PYRIDOXAL-5'-PHOSPHATE 'C8 H10 N O6 P'
#
# COMPACT_ATOMS: atom_id res chain seq x y z
N ASN A 3 -23.50 -0.73 -11.56
CA ASN A 3 -23.86 -0.49 -10.16
C ASN A 3 -22.67 -0.75 -9.25
N ILE A 4 -21.66 0.12 -9.33
CA ILE A 4 -20.42 -0.08 -8.58
C ILE A 4 -20.55 0.57 -7.21
N THR A 5 -20.36 -0.22 -6.17
CA THR A 5 -20.38 0.25 -4.80
C THR A 5 -18.94 0.26 -4.30
N ILE A 6 -18.42 1.46 -4.06
CA ILE A 6 -17.03 1.55 -3.56
C ILE A 6 -16.99 1.38 -2.05
N ASN A 7 -15.84 1.60 -1.45
CA ASN A 7 -15.74 1.30 -0.02
C ASN A 7 -16.62 2.23 0.81
N THR A 8 -17.06 1.68 1.92
CA THR A 8 -17.87 2.44 2.88
C THR A 8 -16.92 2.88 3.97
N PRO A 9 -17.18 3.94 4.95
CA PRO A 9 -16.34 4.40 6.07
C PRO A 9 -16.07 3.29 7.09
N ARG A 10 -14.87 3.33 7.66
CA ARG A 10 -14.52 2.37 8.69
C ARG A 10 -15.28 2.61 9.99
N LYS A 11 -15.85 3.80 10.18
CA LYS A 11 -16.57 4.23 11.39
C LYS A 11 -15.76 3.89 12.65
N ARG A 12 -14.54 4.40 12.65
CA ARG A 12 -13.62 4.13 13.74
C ARG A 12 -12.53 5.20 13.70
N ILE A 13 -12.06 5.60 14.88
CA ILE A 13 -10.82 6.36 15.00
C ILE A 13 -9.79 5.39 15.56
N TYR A 14 -8.80 5.05 14.75
CA TYR A 14 -7.75 4.13 15.19
C TYR A 14 -6.80 4.87 16.12
N HIS A 15 -6.38 4.19 17.20
CA HIS A 15 -5.50 4.86 18.14
C HIS A 15 -4.06 4.92 17.66
N ASN A 16 -3.68 4.03 16.75
CA ASN A 16 -2.34 4.04 16.16
C ASN A 16 -2.40 3.15 14.94
N ILE A 17 -1.28 3.13 14.20
CA ILE A 17 -1.27 2.43 12.92
C ILE A 17 -1.41 0.92 13.09
N LEU A 18 -1.01 0.37 14.24
CA LEU A 18 -1.13 -1.07 14.43
C LEU A 18 -2.58 -1.51 14.44
N GLU A 19 -3.49 -0.63 14.86
CA GLU A 19 -4.91 -0.99 14.87
C GLU A 19 -5.50 -1.10 13.47
N THR A 20 -4.79 -0.65 12.43
CA THR A 20 -5.23 -0.82 11.05
C THR A 20 -4.77 -2.14 10.44
N ILE A 21 -3.99 -2.94 11.17
CA ILE A 21 -3.52 -4.21 10.64
C ILE A 21 -4.67 -5.19 10.48
N GLY A 22 -4.64 -5.98 9.40
CA GLY A 22 -5.64 -7.01 9.18
C GLY A 22 -6.95 -6.46 8.65
N GLY A 23 -7.98 -7.30 8.75
CA GLY A 23 -9.26 -6.96 8.15
C GLY A 23 -9.15 -6.59 6.68
N THR A 24 -8.37 -7.37 5.94
CA THR A 24 -8.04 -7.02 4.56
C THR A 24 -9.14 -7.47 3.60
N PRO A 25 -9.23 -6.86 2.43
CA PRO A 25 -10.33 -7.17 1.51
C PRO A 25 -10.20 -8.53 0.86
N LEU A 26 -11.35 -9.16 0.65
CA LEU A 26 -11.51 -10.37 -0.15
C LEU A 26 -12.22 -9.98 -1.43
N VAL A 27 -11.58 -10.23 -2.58
CA VAL A 27 -12.00 -9.68 -3.86
C VAL A 27 -12.16 -10.80 -4.89
N GLU A 28 -13.24 -10.73 -5.68
CA GLU A 28 -13.43 -11.67 -6.78
C GLU A 28 -12.43 -11.43 -7.90
N LEU A 29 -11.82 -12.52 -8.40
CA LEU A 29 -11.13 -12.49 -9.68
C LEU A 29 -12.14 -12.71 -10.81
N HIS A 30 -11.90 -12.04 -11.95
CA HIS A 30 -12.75 -12.22 -13.13
C HIS A 30 -11.94 -12.30 -14.41
N GLY A 31 -10.92 -11.45 -14.52
CA GLY A 31 -10.17 -11.39 -15.75
C GLY A 31 -9.42 -12.68 -16.02
N VAL A 32 -8.61 -13.11 -15.05
CA VAL A 32 -7.81 -14.32 -15.23
C VAL A 32 -8.60 -15.61 -15.02
N THR A 33 -9.86 -15.54 -14.59
CA THR A 33 -10.69 -16.72 -14.46
C THR A 33 -11.53 -16.98 -15.70
N ASP A 34 -11.45 -16.09 -16.69
CA ASP A 34 -12.21 -16.23 -17.94
C ASP A 34 -11.42 -17.16 -18.86
N HIS A 35 -11.59 -18.46 -18.62
CA HIS A 35 -10.87 -19.49 -19.36
C HIS A 35 -11.72 -20.74 -19.39
N PRO A 36 -11.76 -21.47 -20.52
CA PRO A 36 -12.67 -22.63 -20.62
C PRO A 36 -12.42 -23.71 -19.59
N SER A 37 -11.23 -23.76 -18.98
CA SER A 37 -10.95 -24.79 -17.98
C SER A 37 -11.68 -24.55 -16.66
N ILE A 38 -12.21 -23.36 -16.44
CA ILE A 38 -12.80 -22.98 -15.16
C ILE A 38 -14.29 -22.76 -15.36
N LYS A 39 -15.10 -23.56 -14.67
CA LYS A 39 -16.55 -23.46 -14.77
C LYS A 39 -17.04 -22.12 -14.22
N LYS A 40 -18.10 -21.60 -14.81
CA LYS A 40 -18.58 -20.26 -14.48
C LYS A 40 -19.13 -20.14 -13.06
N ASN A 41 -19.51 -21.26 -12.44
CA ASN A 41 -20.05 -21.23 -11.10
C ASN A 41 -18.99 -21.43 -10.02
N THR A 42 -17.75 -21.68 -10.39
CA THR A 42 -16.66 -21.70 -9.42
C THR A 42 -16.24 -20.27 -9.09
N LYS A 43 -15.98 -20.01 -7.81
CA LYS A 43 -15.66 -18.68 -7.32
C LYS A 43 -14.20 -18.65 -6.87
N ILE A 44 -13.43 -17.70 -7.39
CA ILE A 44 -12.02 -17.58 -7.05
C ILE A 44 -11.83 -16.19 -6.46
N LEU A 45 -11.49 -16.15 -5.17
CA LEU A 45 -11.38 -14.92 -4.39
C LEU A 45 -9.94 -14.74 -3.93
N VAL A 46 -9.47 -13.51 -3.94
CA VAL A 46 -8.10 -13.20 -3.49
C VAL A 46 -8.17 -12.32 -2.26
N LYS A 47 -7.37 -12.67 -1.26
CA LYS A 47 -7.28 -11.90 -0.02
C LYS A 47 -6.06 -10.99 -0.12
N LEU A 48 -6.29 -9.68 -0.05
CA LEU A 48 -5.27 -8.72 -0.44
C LEU A 48 -4.51 -8.23 0.80
N GLU A 49 -3.46 -8.96 1.15
CA GLU A 49 -2.67 -8.58 2.31
C GLU A 49 -1.85 -7.33 2.07
N CYS A 50 -1.78 -6.84 0.83
N CYS A 50 -1.78 -6.84 0.83
CA CYS A 50 -1.18 -5.54 0.56
CA CYS A 50 -1.19 -5.54 0.55
C CYS A 50 -1.93 -4.39 1.23
C CYS A 50 -1.94 -4.40 1.22
N PHE A 51 -3.16 -4.63 1.70
CA PHE A 51 -3.93 -3.59 2.37
C PHE A 51 -3.48 -3.35 3.80
N ASN A 52 -2.56 -4.17 4.34
CA ASN A 52 -1.98 -3.85 5.63
C ASN A 52 -1.19 -2.55 5.53
N PRO A 53 -0.98 -1.85 6.66
CA PRO A 53 -0.37 -0.51 6.54
C PRO A 53 0.99 -0.50 5.89
N MET A 54 1.85 -1.50 6.13
CA MET A 54 3.10 -1.61 5.39
C MET A 54 3.03 -2.68 4.32
N SER A 55 1.81 -3.03 3.89
CA SER A 55 1.53 -3.63 2.60
C SER A 55 2.02 -5.06 2.47
N SER A 56 2.12 -5.81 3.58
CA SER A 56 2.32 -7.25 3.43
C SER A 56 1.69 -7.97 4.60
N VAL A 57 1.51 -9.28 4.40
CA VAL A 57 1.00 -10.17 5.45
C VAL A 57 1.87 -10.12 6.70
N LYS A 58 3.16 -9.78 6.57
CA LYS A 58 4.03 -9.79 7.75
C LYS A 58 3.70 -8.69 8.75
N ASP A 59 2.88 -7.70 8.38
CA ASP A 59 2.39 -6.75 9.38
C ASP A 59 1.74 -7.52 10.53
N ARG A 60 0.93 -8.53 10.19
CA ARG A 60 0.26 -9.32 11.21
C ARG A 60 1.26 -10.08 12.06
N VAL A 61 2.30 -10.61 11.41
CA VAL A 61 3.26 -11.49 12.07
C VAL A 61 4.14 -10.70 13.01
N GLY A 62 4.75 -9.62 12.52
CA GLY A 62 5.56 -8.77 13.37
C GLY A 62 4.78 -8.22 14.54
N PHE A 63 3.52 -7.81 14.29
CA PHE A 63 2.70 -7.31 15.37
C PHE A 63 2.47 -8.36 16.43
N ASN A 64 1.98 -9.55 16.03
CA ASN A 64 1.60 -10.51 17.05
C ASN A 64 2.81 -11.08 17.77
N ILE A 65 3.94 -11.23 17.08
CA ILE A 65 5.14 -11.73 17.76
C ILE A 65 5.55 -10.79 18.88
N ILE A 66 5.54 -9.48 18.61
CA ILE A 66 5.96 -8.50 19.60
C ILE A 66 4.89 -8.30 20.66
N TYR A 67 3.63 -8.15 20.23
CA TYR A 67 2.54 -7.95 21.16
C TYR A 67 2.43 -9.10 22.17
N GLN A 68 2.47 -10.35 21.69
CA GLN A 68 2.31 -11.48 22.60
C GLN A 68 3.50 -11.58 23.55
N ALA A 69 4.70 -11.26 23.08
CA ALA A 69 5.88 -11.33 23.93
C ALA A 69 5.82 -10.29 25.03
N ILE A 70 5.27 -9.10 24.72
CA ILE A 70 5.07 -8.10 25.75
C ILE A 70 4.05 -8.58 26.78
N LYS A 71 2.91 -9.10 26.30
CA LYS A 71 1.87 -9.55 27.22
C LYS A 71 2.36 -10.71 28.09
N ASP A 72 3.10 -11.65 27.51
CA ASP A 72 3.64 -12.79 28.24
C ASP A 72 4.87 -12.43 29.08
N GLY A 73 5.38 -11.21 28.96
CA GLY A 73 6.58 -10.83 29.69
C GLY A 73 7.87 -11.41 29.14
N ARG A 74 7.85 -12.02 27.95
CA ARG A 74 9.08 -12.47 27.32
C ARG A 74 9.86 -11.32 26.71
N LEU A 75 9.18 -10.24 26.35
CA LEU A 75 9.81 -9.00 25.94
C LEU A 75 9.51 -7.98 27.03
N LYS A 76 10.55 -7.55 27.73
CA LYS A 76 10.41 -6.64 28.86
C LYS A 76 11.08 -5.31 28.53
N PRO A 77 10.59 -4.20 29.11
CA PRO A 77 11.24 -2.92 28.89
C PRO A 77 12.73 -2.99 29.24
N GLY A 78 13.56 -2.44 28.36
CA GLY A 78 14.99 -2.60 28.41
C GLY A 78 15.51 -3.60 27.39
N MET A 79 14.71 -4.60 27.04
CA MET A 79 15.11 -5.58 26.04
C MET A 79 14.91 -5.02 24.64
N GLU A 80 15.51 -5.70 23.67
CA GLU A 80 15.47 -5.31 22.27
C GLU A 80 15.09 -6.51 21.42
N ILE A 81 14.42 -6.22 20.30
CA ILE A 81 13.99 -7.24 19.36
C ILE A 81 15.11 -7.51 18.37
N ILE A 82 15.27 -8.78 17.97
CA ILE A 82 16.28 -9.14 16.98
C ILE A 82 15.70 -10.17 16.02
N GLU A 83 16.05 -10.04 14.74
CA GLU A 83 15.69 -11.00 13.71
C GLU A 83 16.70 -10.92 12.58
N ALA A 84 16.89 -12.03 11.89
CA ALA A 84 17.69 -12.08 10.68
C ALA A 84 16.73 -12.18 9.50
N THR A 85 16.67 -11.13 8.69
CA THR A 85 15.71 -11.07 7.59
C THR A 85 16.07 -9.90 6.68
N SER A 86 15.77 -10.07 5.40
CA SER A 86 15.92 -9.01 4.41
C SER A 86 14.59 -8.59 3.81
N GLY A 87 13.49 -9.22 4.21
CA GLY A 87 12.24 -8.95 3.55
C GLY A 87 11.12 -8.42 4.43
N ASN A 88 9.91 -8.91 4.17
CA ASN A 88 8.74 -8.31 4.77
C ASN A 88 8.71 -8.52 6.27
N THR A 89 9.31 -9.61 6.77
CA THR A 89 9.29 -9.84 8.21
C THR A 89 9.98 -8.71 8.96
N GLY A 90 11.12 -8.24 8.43
CA GLY A 90 11.77 -7.09 9.04
C GLY A 90 10.88 -5.87 9.06
N ILE A 91 10.19 -5.59 7.96
CA ILE A 91 9.31 -4.42 7.90
C ILE A 91 8.22 -4.52 8.96
N GLY A 92 7.59 -5.70 9.07
CA GLY A 92 6.52 -5.85 10.04
C GLY A 92 7.00 -5.71 11.47
N LEU A 93 8.21 -6.22 11.75
CA LEU A 93 8.79 -6.05 13.08
C LEU A 93 9.13 -4.59 13.35
N CYS A 94 9.69 -3.89 12.35
CA CYS A 94 10.08 -2.50 12.53
C CYS A 94 8.86 -1.63 12.77
N GLN A 95 7.77 -1.89 12.05
CA GLN A 95 6.56 -1.10 12.25
C GLN A 95 6.03 -1.28 13.67
N ALA A 96 5.92 -2.53 14.14
CA ALA A 96 5.42 -2.78 15.49
C ALA A 96 6.38 -2.26 16.54
N GLY A 97 7.69 -2.42 16.33
CA GLY A 97 8.65 -1.93 17.30
C GLY A 97 8.57 -0.44 17.49
N ALA A 98 8.44 0.30 16.38
CA ALA A 98 8.39 1.76 16.45
C ALA A 98 7.21 2.24 17.29
N VAL A 99 6.05 1.57 17.18
CA VAL A 99 4.86 2.02 17.90
C VAL A 99 4.88 1.53 19.34
N PHE A 100 5.22 0.27 19.57
CA PHE A 100 5.36 -0.24 20.94
C PHE A 100 6.53 0.41 21.67
N GLY A 101 7.45 1.03 20.95
CA GLY A 101 8.57 1.69 21.58
C GLY A 101 9.68 0.75 22.02
N TYR A 102 9.99 -0.26 21.22
CA TYR A 102 11.10 -1.13 21.53
C TYR A 102 12.13 -1.07 20.41
N PRO A 103 13.43 -1.07 20.73
CA PRO A 103 14.44 -1.12 19.68
C PRO A 103 14.31 -2.42 18.87
N VAL A 104 14.54 -2.32 17.57
CA VAL A 104 14.46 -3.45 16.67
C VAL A 104 15.79 -3.59 15.95
N ASN A 105 16.42 -4.76 16.08
CA ASN A 105 17.67 -5.07 15.41
C ASN A 105 17.40 -6.07 14.29
N ILE A 106 17.76 -5.70 13.07
CA ILE A 106 17.60 -6.55 11.89
C ILE A 106 18.98 -6.89 11.39
N VAL A 107 19.33 -8.16 11.41
CA VAL A 107 20.63 -8.62 10.92
C VAL A 107 20.46 -9.05 9.46
N MET A 108 21.32 -8.53 8.61
N MET A 108 21.30 -8.50 8.60
CA MET A 108 21.27 -8.84 7.19
CA MET A 108 21.27 -8.83 7.18
C MET A 108 22.64 -8.51 6.60
C MET A 108 22.62 -8.50 6.59
N PRO A 109 22.99 -9.12 5.46
CA PRO A 109 24.29 -8.78 4.85
C PRO A 109 24.27 -7.36 4.30
N SER A 110 25.40 -6.68 4.42
CA SER A 110 25.53 -5.36 3.80
C SER A 110 25.42 -5.41 2.28
N THR A 111 25.34 -6.61 1.69
CA THR A 111 25.19 -6.75 0.25
C THR A 111 23.79 -6.39 -0.23
N MET A 112 22.81 -6.39 0.68
CA MET A 112 21.43 -6.11 0.25
C MET A 112 21.36 -4.66 -0.22
N SER A 113 20.48 -4.40 -1.17
CA SER A 113 20.38 -3.06 -1.71
C SER A 113 19.79 -2.09 -0.69
N VAL A 114 20.14 -0.80 -0.86
CA VAL A 114 19.76 0.20 0.13
C VAL A 114 18.25 0.24 0.34
N GLU A 115 17.48 0.03 -0.73
CA GLU A 115 16.02 0.11 -0.64
C GLU A 115 15.47 -0.83 0.42
N ARG A 116 16.06 -2.03 0.52
CA ARG A 116 15.66 -2.97 1.57
C ARG A 116 15.95 -2.39 2.95
N GLN A 117 17.18 -1.92 3.16
CA GLN A 117 17.54 -1.34 4.45
C GLN A 117 16.87 -0.01 4.68
N MET A 118 16.56 0.72 3.60
CA MET A 118 16.04 2.08 3.71
C MET A 118 14.71 2.10 4.46
N ILE A 119 13.77 1.23 4.08
CA ILE A 119 12.48 1.21 4.74
C ILE A 119 12.66 0.91 6.21
N MET A 120 13.51 -0.07 6.54
CA MET A 120 13.63 -0.48 7.94
C MET A 120 14.30 0.60 8.78
N LYS A 121 15.34 1.24 8.27
CA LYS A 121 15.98 2.28 9.07
C LYS A 121 15.09 3.51 9.21
N ALA A 122 14.22 3.76 8.23
CA ALA A 122 13.24 4.84 8.38
C ALA A 122 12.37 4.64 9.62
N PHE A 123 12.12 3.38 9.98
CA PHE A 123 11.34 3.07 11.17
C PHE A 123 12.17 3.11 12.45
N GLY A 124 13.42 3.55 12.37
CA GLY A 124 14.27 3.63 13.54
C GLY A 124 14.99 2.34 13.90
N ALA A 125 14.95 1.34 13.03
CA ALA A 125 15.60 0.08 13.34
C ALA A 125 17.11 0.25 13.37
N ASN A 126 17.76 -0.57 14.20
CA ASN A 126 19.21 -0.69 14.19
C ASN A 126 19.56 -1.82 13.22
N LEU A 127 20.18 -1.47 12.10
CA LEU A 127 20.60 -2.44 11.12
C LEU A 127 21.98 -2.96 11.50
N VAL A 128 22.06 -4.25 11.80
CA VAL A 128 23.34 -4.90 12.09
C VAL A 128 23.75 -5.57 10.78
N LEU A 129 24.57 -4.88 10.00
CA LEU A 129 24.98 -5.37 8.69
C LEU A 129 26.17 -6.30 8.83
N SER A 130 25.97 -7.57 8.48
CA SER A 130 27.06 -8.54 8.52
C SER A 130 27.91 -8.42 7.26
N ASP A 131 29.00 -9.19 7.24
CA ASP A 131 29.97 -9.12 6.15
C ASP A 131 29.29 -9.41 4.81
N GLY A 132 29.32 -8.42 3.91
CA GLY A 132 28.62 -8.55 2.65
C GLY A 132 29.03 -9.78 1.85
N THR A 133 30.30 -10.17 1.94
CA THR A 133 30.76 -11.32 1.16
C THR A 133 30.26 -12.64 1.71
N LYS A 134 30.12 -12.75 3.03
CA LYS A 134 29.73 -14.01 3.65
C LYS A 134 28.25 -14.32 3.51
N GLY A 135 27.49 -13.47 2.80
CA GLY A 135 26.11 -13.72 2.45
C GLY A 135 25.21 -13.90 3.66
N MET A 136 24.12 -14.62 3.45
CA MET A 136 23.18 -14.89 4.53
C MET A 136 23.79 -15.71 5.66
N PRO A 137 24.62 -16.74 5.43
CA PRO A 137 25.26 -17.43 6.56
C PRO A 137 25.99 -16.49 7.51
N GLY A 138 26.64 -15.44 6.99
CA GLY A 138 27.28 -14.47 7.86
C GLY A 138 26.28 -13.71 8.72
N ALA A 139 25.07 -13.47 8.20
CA ALA A 139 24.05 -12.80 8.99
C ALA A 139 23.61 -13.66 10.17
N ILE A 140 23.47 -14.96 9.96
CA ILE A 140 23.12 -15.85 11.06
C ILE A 140 24.28 -15.94 12.06
N ALA A 141 25.52 -16.02 11.56
CA ALA A 141 26.67 -16.06 12.44
C ALA A 141 26.70 -14.85 13.36
N LYS A 142 26.55 -13.65 12.80
CA LYS A 142 26.52 -12.44 13.62
C LYS A 142 25.31 -12.42 14.52
N TYR A 143 24.18 -12.95 14.05
CA TYR A 143 22.97 -12.99 14.86
C TYR A 143 23.14 -13.91 16.07
N GLU A 144 23.73 -15.10 15.86
CA GLU A 144 23.93 -16.04 17.00
C GLU A 144 24.99 -15.49 17.95
N GLU A 145 25.98 -14.79 17.44
CA GLU A 145 26.99 -14.23 18.32
C GLU A 145 26.40 -13.16 19.23
N LEU A 146 25.52 -12.31 18.69
CA LEU A 146 24.89 -11.27 19.48
C LEU A 146 24.06 -11.87 20.61
N ILE A 147 23.24 -12.87 20.30
CA ILE A 147 22.39 -13.50 21.30
C ILE A 147 23.23 -14.20 22.36
N LYS A 148 24.30 -14.87 21.95
CA LYS A 148 25.13 -15.61 22.90
C LYS A 148 25.90 -14.66 23.82
N GLN A 149 26.30 -13.49 23.32
CA GLN A 149 27.10 -12.56 24.11
C GLN A 149 26.27 -11.65 25.00
N HIS A 150 24.98 -11.47 24.70
CA HIS A 150 24.07 -10.67 25.51
C HIS A 150 22.78 -11.44 25.66
N PRO A 151 22.78 -12.49 26.48
CA PRO A 151 21.62 -13.40 26.51
C PRO A 151 20.33 -12.74 26.95
N ASN A 152 20.35 -11.93 28.00
CA ASN A 152 19.14 -11.34 28.53
C ASN A 152 18.70 -10.09 27.79
N LYS A 153 19.47 -9.65 26.79
CA LYS A 153 19.17 -8.38 26.15
C LYS A 153 18.15 -8.53 25.03
N TYR A 154 18.27 -9.57 24.21
CA TYR A 154 17.54 -9.68 22.97
C TYR A 154 16.36 -10.63 23.10
N PHE A 155 15.22 -10.22 22.54
CA PHE A 155 14.12 -11.15 22.29
C PHE A 155 14.17 -11.59 20.85
N PRO A 156 14.34 -12.89 20.56
CA PRO A 156 14.44 -13.33 19.16
C PRO A 156 13.07 -13.54 18.55
N ALA A 157 12.83 -12.95 17.38
CA ALA A 157 11.52 -13.10 16.76
C ALA A 157 11.26 -14.53 16.31
N ASN A 158 12.29 -15.24 15.86
CA ASN A 158 12.18 -16.65 15.45
C ASN A 158 11.05 -16.87 14.44
N GLN A 159 11.11 -16.16 13.32
CA GLN A 159 9.97 -16.14 12.41
C GLN A 159 9.63 -17.51 11.86
N PHE A 160 10.62 -18.41 11.75
CA PHE A 160 10.35 -19.71 11.15
C PHE A 160 9.79 -20.73 12.13
N GLY A 161 9.82 -20.43 13.44
CA GLY A 161 9.37 -21.39 14.43
C GLY A 161 8.40 -20.84 15.46
N ASN A 162 8.16 -19.53 15.44
CA ASN A 162 7.44 -18.89 16.54
C ASN A 162 5.95 -19.18 16.43
N PRO A 163 5.32 -19.79 17.44
CA PRO A 163 3.87 -20.03 17.35
C PRO A 163 3.05 -18.76 17.31
N ASP A 164 3.61 -17.62 17.72
CA ASP A 164 2.89 -16.34 17.61
C ASP A 164 2.87 -15.82 16.18
N ASN A 165 3.67 -16.40 15.29
CA ASN A 165 3.52 -16.17 13.86
C ASN A 165 2.21 -16.80 13.42
N THR A 166 2.16 -18.13 13.51
CA THR A 166 0.98 -18.91 13.17
C THR A 166 -0.28 -18.34 13.81
N ALA A 167 -0.21 -17.97 15.09
CA ALA A 167 -1.40 -17.55 15.81
C ALA A 167 -1.98 -16.25 15.25
N ALA A 168 -1.15 -15.43 14.61
CA ALA A 168 -1.67 -14.21 13.99
C ALA A 168 -2.80 -14.52 13.02
N HIS A 169 -2.78 -15.71 12.43
CA HIS A 169 -3.70 -16.07 11.38
C HIS A 169 -5.02 -16.62 11.88
N VAL A 170 -5.21 -16.65 13.21
CA VAL A 170 -6.57 -16.77 13.71
C VAL A 170 -7.43 -15.64 13.15
N TYR A 171 -6.86 -14.42 13.05
CA TYR A 171 -7.59 -13.31 12.46
C TYR A 171 -7.78 -13.50 10.95
N THR A 172 -6.70 -13.84 10.24
CA THR A 172 -6.80 -14.07 8.81
C THR A 172 -7.89 -15.07 8.49
N ALA A 173 -7.90 -16.20 9.21
CA ALA A 173 -8.90 -17.23 9.00
C ALA A 173 -10.30 -16.71 9.32
N ASN A 174 -10.45 -16.01 10.44
CA ASN A 174 -11.78 -15.53 10.81
C ASN A 174 -12.31 -14.56 9.77
N GLU A 175 -11.43 -13.71 9.23
CA GLU A 175 -11.84 -12.80 8.17
C GLU A 175 -12.34 -13.57 6.95
N ILE A 176 -11.63 -14.62 6.57
CA ILE A 176 -12.07 -15.44 5.43
C ILE A 176 -13.39 -16.12 5.76
N TRP A 177 -13.51 -16.62 6.98
CA TRP A 177 -14.73 -17.30 7.39
C TRP A 177 -15.92 -16.36 7.34
N GLU A 178 -15.76 -15.16 7.91
CA GLU A 178 -16.88 -14.22 7.92
C GLU A 178 -17.18 -13.66 6.54
N ASP A 179 -16.13 -13.26 5.79
CA ASP A 179 -16.38 -12.64 4.49
C ASP A 179 -17.05 -13.60 3.52
N THR A 180 -16.75 -14.90 3.60
CA THR A 180 -17.41 -15.88 2.75
C THR A 180 -18.68 -16.48 3.37
N ASN A 181 -19.09 -16.01 4.56
CA ASN A 181 -20.18 -16.64 5.33
C ASN A 181 -20.02 -18.15 5.37
N GLY A 182 -18.80 -18.61 5.61
CA GLY A 182 -18.51 -20.02 5.77
C GLY A 182 -18.53 -20.82 4.49
N GLU A 183 -18.58 -20.17 3.32
CA GLU A 183 -18.62 -20.90 2.06
C GLU A 183 -17.25 -21.35 1.58
N VAL A 184 -16.17 -20.78 2.12
CA VAL A 184 -14.82 -21.14 1.71
C VAL A 184 -14.68 -22.66 1.68
N ASP A 185 -14.16 -23.17 0.56
CA ASP A 185 -13.95 -24.59 0.34
C ASP A 185 -12.49 -24.97 0.25
N ILE A 186 -11.67 -24.10 -0.34
CA ILE A 186 -10.25 -24.38 -0.55
C ILE A 186 -9.49 -23.11 -0.17
N ILE A 187 -8.37 -23.26 0.52
CA ILE A 187 -7.47 -22.15 0.83
C ILE A 187 -6.12 -22.43 0.21
N VAL A 188 -5.57 -21.45 -0.51
CA VAL A 188 -4.33 -21.59 -1.25
C VAL A 188 -3.33 -20.60 -0.68
N SER A 189 -2.16 -21.11 -0.26
CA SER A 189 -1.18 -20.23 0.38
C SER A 189 0.22 -20.64 -0.04
N ALA A 190 0.96 -19.71 -0.64
CA ALA A 190 2.38 -19.90 -0.93
C ALA A 190 3.21 -19.80 0.36
N VAL A 191 4.18 -20.70 0.53
CA VAL A 191 4.77 -20.99 1.83
C VAL A 191 6.14 -20.36 1.97
N GLY A 192 6.28 -19.47 2.96
CA GLY A 192 7.54 -18.92 3.38
C GLY A 192 7.92 -19.46 4.74
N THR A 193 7.41 -18.82 5.80
CA THR A 193 7.56 -19.39 7.13
C THR A 193 6.60 -20.53 7.40
N ALA A 194 5.50 -20.62 6.62
CA ALA A 194 4.37 -21.55 6.73
C ALA A 194 3.35 -21.07 7.78
N GLY A 195 3.56 -19.92 8.41
CA GLY A 195 2.57 -19.41 9.36
C GLY A 195 1.19 -19.29 8.75
N THR A 196 1.11 -18.79 7.51
CA THR A 196 -0.19 -18.58 6.87
C THR A 196 -0.86 -19.91 6.56
N VAL A 197 -0.18 -20.81 5.86
CA VAL A 197 -0.86 -22.03 5.41
C VAL A 197 -1.30 -22.86 6.63
N ILE A 198 -0.48 -22.89 7.68
CA ILE A 198 -0.81 -23.70 8.84
C ILE A 198 -1.85 -23.00 9.71
N GLY A 199 -1.62 -21.72 10.01
CA GLY A 199 -2.57 -20.97 10.82
C GLY A 199 -3.94 -20.82 10.17
N VAL A 200 -3.95 -20.39 8.91
CA VAL A 200 -5.25 -20.30 8.25
C VAL A 200 -5.84 -21.69 8.06
N GLY A 201 -5.01 -22.67 7.70
CA GLY A 201 -5.53 -24.02 7.46
C GLY A 201 -6.12 -24.64 8.72
N GLU A 202 -5.39 -24.56 9.83
CA GLU A 202 -5.89 -25.13 11.08
C GLU A 202 -7.18 -24.46 11.51
N ASN A 203 -7.23 -23.14 11.40
CA ASN A 203 -8.36 -22.41 11.98
C ASN A 203 -9.60 -22.45 11.11
N LEU A 204 -9.44 -22.59 9.79
CA LEU A 204 -10.61 -22.85 8.95
C LEU A 204 -11.12 -24.26 9.16
N LYS A 205 -10.21 -25.24 9.29
CA LYS A 205 -10.66 -26.63 9.45
C LYS A 205 -11.39 -26.83 10.77
N LYS A 206 -11.13 -25.99 11.78
CA LYS A 206 -11.87 -26.08 13.03
C LYS A 206 -13.33 -25.70 12.84
N LYS A 207 -13.62 -24.86 11.85
CA LYS A 207 -14.98 -24.44 11.57
C LYS A 207 -15.63 -25.24 10.45
N LYS A 208 -14.83 -25.91 9.63
CA LYS A 208 -15.34 -26.59 8.43
C LYS A 208 -14.27 -27.63 8.08
N LYS A 209 -14.53 -28.88 8.49
CA LYS A 209 -13.50 -29.91 8.36
C LYS A 209 -13.13 -30.19 6.91
N GLY A 210 -14.06 -29.98 5.99
CA GLY A 210 -13.84 -30.28 4.60
C GLY A 210 -13.03 -29.27 3.82
N VAL A 211 -12.60 -28.17 4.44
CA VAL A 211 -11.76 -27.20 3.74
C VAL A 211 -10.47 -27.87 3.29
N LYS A 212 -10.14 -27.72 2.01
CA LYS A 212 -8.91 -28.25 1.45
C LYS A 212 -7.81 -27.20 1.57
N VAL A 213 -6.63 -27.62 2.03
CA VAL A 213 -5.51 -26.71 2.25
C VAL A 213 -4.45 -27.00 1.19
N VAL A 214 -4.15 -26.00 0.36
CA VAL A 214 -3.16 -26.14 -0.72
C VAL A 214 -1.95 -25.28 -0.39
N ALA A 215 -0.79 -25.92 -0.21
CA ALA A 215 0.48 -25.22 -0.05
C ALA A 215 1.12 -25.05 -1.43
N VAL A 216 1.78 -23.90 -1.64
CA VAL A 216 2.44 -23.60 -2.91
C VAL A 216 3.90 -23.32 -2.65
N GLU A 217 4.78 -23.89 -3.47
CA GLU A 217 6.22 -23.69 -3.34
C GLU A 217 6.80 -23.60 -4.74
N PRO A 218 8.00 -23.03 -4.89
CA PRO A 218 8.63 -22.95 -6.20
C PRO A 218 8.99 -24.33 -6.73
N ALA A 219 8.68 -24.59 -8.01
CA ALA A 219 9.01 -25.87 -8.62
C ALA A 219 10.50 -26.15 -8.55
N GLU A 220 11.31 -25.10 -8.55
CA GLU A 220 12.75 -25.19 -8.56
C GLU A 220 13.35 -25.44 -7.19
N SER A 221 12.57 -25.34 -6.11
CA SER A 221 13.05 -25.55 -4.76
C SER A 221 11.92 -26.17 -3.93
N ALA A 222 11.46 -27.32 -4.40
CA ALA A 222 10.20 -27.91 -3.93
C ALA A 222 10.43 -28.82 -2.73
N VAL A 223 10.91 -28.21 -1.63
CA VAL A 223 11.37 -29.01 -0.51
C VAL A 223 10.21 -29.59 0.31
N LEU A 224 9.03 -28.96 0.28
CA LEU A 224 7.90 -29.56 0.99
C LEU A 224 7.54 -30.91 0.39
N SER A 225 7.79 -31.10 -0.89
CA SER A 225 7.52 -32.35 -1.58
C SER A 225 8.68 -33.33 -1.48
N GLY A 226 9.76 -32.94 -0.80
CA GLY A 226 10.91 -33.81 -0.63
C GLY A 226 12.02 -33.63 -1.64
N LYS A 227 11.93 -32.64 -2.50
CA LYS A 227 12.93 -32.40 -3.52
C LYS A 227 14.01 -31.46 -2.99
N PRO A 228 15.17 -31.41 -3.64
CA PRO A 228 16.27 -30.59 -3.12
C PRO A 228 15.99 -29.10 -3.22
N LYS A 229 16.57 -28.36 -2.28
CA LYS A 229 16.66 -26.91 -2.40
C LYS A 229 17.38 -26.56 -3.71
N GLY A 230 16.95 -25.46 -4.32
CA GLY A 230 17.60 -24.96 -5.50
C GLY A 230 17.26 -23.50 -5.73
N PRO A 231 17.97 -22.86 -6.65
CA PRO A 231 17.72 -21.44 -6.89
C PRO A 231 16.36 -21.21 -7.53
N HIS A 232 15.69 -20.16 -7.08
CA HIS A 232 14.41 -19.77 -7.64
C HIS A 232 14.28 -18.27 -7.46
N GLY A 233 13.25 -17.71 -8.09
CA GLY A 233 13.11 -16.28 -8.02
C GLY A 233 11.75 -15.80 -7.52
N ILE A 234 11.04 -16.62 -6.77
CA ILE A 234 9.73 -16.23 -6.24
C ILE A 234 9.98 -15.66 -4.85
N GLN A 235 10.25 -14.36 -4.82
CA GLN A 235 10.62 -13.72 -3.57
C GLN A 235 9.50 -13.83 -2.55
N GLY A 236 9.87 -14.11 -1.31
CA GLY A 236 8.93 -14.27 -0.23
C GLY A 236 8.64 -15.71 0.15
N ILE A 237 8.88 -16.66 -0.75
CA ILE A 237 8.64 -18.07 -0.46
C ILE A 237 9.89 -18.86 -0.82
N GLY A 238 9.80 -20.18 -0.73
CA GLY A 238 10.94 -21.02 -1.09
C GLY A 238 12.15 -20.81 -0.19
N ALA A 239 11.94 -20.92 1.12
CA ALA A 239 13.02 -20.75 2.08
C ALA A 239 14.13 -21.77 1.89
N GLY A 240 13.84 -22.90 1.27
CA GLY A 240 14.84 -23.92 1.01
C GLY A 240 15.00 -24.95 2.09
N PHE A 241 14.18 -24.88 3.14
CA PHE A 241 14.12 -25.89 4.19
C PHE A 241 12.68 -26.03 4.66
N VAL A 242 12.38 -27.11 5.37
CA VAL A 242 11.05 -27.31 5.94
C VAL A 242 11.03 -26.65 7.31
N THR A 243 10.18 -25.64 7.47
CA THR A 243 10.22 -24.79 8.65
C THR A 243 9.60 -25.50 9.85
N ASP A 244 9.98 -25.02 11.04
CA ASP A 244 9.46 -25.59 12.27
C ASP A 244 7.96 -25.43 12.37
N ILE A 245 7.41 -24.38 11.76
CA ILE A 245 5.95 -24.18 11.81
C ILE A 245 5.22 -25.20 10.95
N TYR A 246 5.84 -25.67 9.86
CA TYR A 246 5.14 -26.52 8.91
C TYR A 246 4.64 -27.81 9.55
N LYS A 247 3.37 -28.11 9.32
CA LYS A 247 2.71 -29.32 9.81
C LYS A 247 2.10 -30.04 8.61
N LYS A 248 2.75 -31.12 8.16
CA LYS A 248 2.31 -31.78 6.93
C LYS A 248 0.86 -32.26 7.01
N GLU A 249 0.41 -32.63 8.21
CA GLU A 249 -0.95 -33.15 8.37
C GLU A 249 -2.01 -32.10 8.07
N VAL A 250 -1.68 -30.82 8.19
CA VAL A 250 -2.65 -29.76 7.90
C VAL A 250 -2.83 -29.56 6.40
N VAL A 251 -1.83 -29.91 5.60
CA VAL A 251 -1.80 -29.59 4.18
C VAL A 251 -2.32 -30.78 3.39
N ASP A 252 -3.26 -30.53 2.49
CA ASP A 252 -3.87 -31.58 1.69
C ASP A 252 -3.22 -31.75 0.31
N GLU A 253 -2.55 -30.72 -0.20
CA GLU A 253 -1.92 -30.79 -1.51
C GLU A 253 -0.80 -29.76 -1.54
N ILE A 254 0.34 -30.14 -2.14
CA ILE A 254 1.43 -29.21 -2.40
C ILE A 254 1.48 -28.99 -3.91
N THR A 255 1.37 -27.73 -4.34
CA THR A 255 1.43 -27.42 -5.76
C THR A 255 2.70 -26.65 -6.07
N PRO A 256 3.59 -27.21 -6.88
CA PRO A 256 4.78 -26.48 -7.29
C PRO A 256 4.47 -25.55 -8.46
N ILE A 257 5.06 -24.37 -8.44
CA ILE A 257 4.88 -23.38 -9.50
C ILE A 257 6.26 -22.90 -9.93
N LYS A 258 6.53 -22.95 -11.24
CA LYS A 258 7.80 -22.48 -11.77
C LYS A 258 7.90 -20.97 -11.60
N THR A 259 9.12 -20.50 -11.32
CA THR A 259 9.36 -19.08 -11.08
C THR A 259 8.82 -18.23 -12.22
N GLN A 260 9.15 -18.59 -13.46
CA GLN A 260 8.73 -17.75 -14.59
C GLN A 260 7.22 -17.75 -14.77
N ASP A 261 6.55 -18.86 -14.40
CA ASP A 261 5.09 -18.90 -14.47
C ASP A 261 4.47 -18.02 -13.40
N ALA A 262 5.07 -18.01 -12.19
CA ALA A 262 4.59 -17.11 -11.14
C ALA A 262 4.68 -15.66 -11.59
N TRP A 263 5.80 -15.27 -12.22
CA TRP A 263 5.93 -13.89 -12.68
C TRP A 263 4.94 -13.58 -13.79
N LYS A 264 4.79 -14.50 -14.75
CA LYS A 264 3.83 -14.28 -15.82
C LYS A 264 2.41 -14.17 -15.29
N MET A 265 2.07 -14.99 -14.30
CA MET A 265 0.75 -14.88 -13.67
C MET A 265 0.58 -13.52 -13.02
N ALA A 266 1.61 -13.04 -12.31
CA ALA A 266 1.50 -11.73 -11.67
C ALA A 266 1.27 -10.62 -12.69
N ARG A 267 1.96 -10.70 -13.83
CA ARG A 267 1.75 -9.71 -14.89
C ARG A 267 0.33 -9.80 -15.43
N ALA A 268 -0.21 -11.00 -15.57
CA ALA A 268 -1.56 -11.15 -16.10
C ALA A 268 -2.60 -10.62 -15.13
N VAL A 269 -2.41 -10.84 -13.83
CA VAL A 269 -3.39 -10.41 -12.84
C VAL A 269 -3.53 -8.89 -12.84
N VAL A 270 -2.40 -8.18 -12.90
CA VAL A 270 -2.51 -6.72 -12.89
C VAL A 270 -3.08 -6.20 -14.21
N LYS A 271 -2.77 -6.85 -15.35
CA LYS A 271 -3.31 -6.37 -16.62
C LYS A 271 -4.81 -6.65 -16.75
N TYR A 272 -5.25 -7.84 -16.32
CA TYR A 272 -6.62 -8.27 -16.59
C TYR A 272 -7.57 -8.13 -15.41
N ASP A 273 -7.06 -8.03 -14.18
CA ASP A 273 -7.89 -7.76 -13.03
C ASP A 273 -7.53 -6.47 -12.33
N GLY A 274 -6.47 -5.79 -12.76
CA GLY A 274 -6.12 -4.53 -12.13
C GLY A 274 -5.66 -4.63 -10.70
N ILE A 275 -5.16 -5.78 -10.29
CA ILE A 275 -4.63 -6.01 -8.95
C ILE A 275 -3.13 -6.22 -9.09
N MET A 276 -2.34 -5.31 -8.52
CA MET A 276 -0.88 -5.37 -8.69
C MET A 276 -0.27 -6.18 -7.56
N CYS A 277 -0.37 -7.48 -7.69
CA CYS A 277 0.10 -8.41 -6.66
C CYS A 277 1.59 -8.73 -6.86
N GLY A 278 2.20 -9.24 -5.80
CA GLY A 278 3.61 -9.57 -5.81
C GLY A 278 3.92 -10.90 -6.48
N MET A 279 5.20 -11.31 -6.36
CA MET A 279 5.65 -12.53 -7.01
C MET A 279 5.02 -13.77 -6.41
N SER A 280 5.01 -13.86 -5.07
CA SER A 280 4.43 -15.04 -4.44
C SER A 280 2.93 -15.10 -4.67
N SER A 281 2.30 -13.94 -4.87
CA SER A 281 0.88 -13.88 -5.21
C SER A 281 0.61 -14.47 -6.58
N GLY A 282 1.51 -14.22 -7.53
CA GLY A 282 1.40 -14.86 -8.83
C GLY A 282 1.47 -16.36 -8.74
N ALA A 283 2.37 -16.87 -7.88
CA ALA A 283 2.44 -18.32 -7.70
C ALA A 283 1.15 -18.85 -7.09
N ALA A 284 0.66 -18.19 -6.03
CA ALA A 284 -0.55 -18.63 -5.37
C ALA A 284 -1.75 -18.59 -6.31
N ILE A 285 -1.88 -17.52 -7.12
CA ILE A 285 -3.02 -17.43 -8.03
C ILE A 285 -2.95 -18.52 -9.10
N LEU A 286 -1.76 -18.77 -9.64
CA LEU A 286 -1.67 -19.82 -10.66
C LEU A 286 -2.06 -21.17 -10.08
N ALA A 287 -1.57 -21.49 -8.87
CA ALA A 287 -2.00 -22.72 -8.23
C ALA A 287 -3.50 -22.73 -8.00
N GLY A 288 -4.08 -21.58 -7.65
CA GLY A 288 -5.52 -21.52 -7.42
C GLY A 288 -6.30 -21.69 -8.72
N LEU A 289 -5.80 -21.16 -9.83
CA LEU A 289 -6.51 -21.31 -11.10
C LEU A 289 -6.44 -22.75 -11.57
N LYS A 290 -5.31 -23.42 -11.31
CA LYS A 290 -5.25 -24.84 -11.64
C LYS A 290 -6.22 -25.64 -10.77
N GLU A 291 -6.26 -25.31 -9.48
CA GLU A 291 -7.25 -25.89 -8.59
C GLU A 291 -8.66 -25.68 -9.14
N ALA A 292 -8.95 -24.47 -9.63
CA ALA A 292 -10.26 -24.13 -10.18
C ALA A 292 -10.59 -24.90 -11.44
N GLY A 293 -9.60 -25.53 -12.08
CA GLY A 293 -9.83 -26.32 -13.28
C GLY A 293 -10.12 -27.77 -13.03
N LYS A 294 -9.94 -28.25 -11.79
CA LYS A 294 -10.19 -29.64 -11.48
C LYS A 294 -11.69 -29.92 -11.42
N VAL A 295 -12.10 -31.03 -12.03
CA VAL A 295 -13.53 -31.29 -12.19
C VAL A 295 -14.21 -31.46 -10.84
N GLU A 296 -13.53 -32.03 -9.85
CA GLU A 296 -14.16 -32.19 -8.55
C GLU A 296 -14.30 -30.87 -7.79
N ASN A 297 -13.79 -29.77 -8.33
CA ASN A 297 -13.87 -28.49 -7.65
C ASN A 297 -14.91 -27.56 -8.25
N GLU A 298 -15.72 -28.05 -9.18
CA GLU A 298 -16.75 -27.22 -9.79
C GLU A 298 -17.68 -26.64 -8.73
N GLY A 299 -17.93 -25.33 -8.83
CA GLY A 299 -18.82 -24.65 -7.91
C GLY A 299 -18.23 -24.28 -6.57
N LYS A 300 -16.99 -24.66 -6.28
CA LYS A 300 -16.45 -24.39 -4.96
C LYS A 300 -15.96 -22.95 -4.84
N THR A 301 -15.79 -22.50 -3.60
CA THR A 301 -15.25 -21.18 -3.30
C THR A 301 -13.78 -21.36 -2.93
N ILE A 302 -12.90 -20.82 -3.78
CA ILE A 302 -11.47 -20.97 -3.63
C ILE A 302 -10.90 -19.64 -3.19
N VAL A 303 -10.22 -19.61 -2.04
CA VAL A 303 -9.66 -18.38 -1.50
C VAL A 303 -8.14 -18.47 -1.59
N ILE A 304 -7.51 -17.42 -2.14
CA ILE A 304 -6.08 -17.37 -2.39
C ILE A 304 -5.48 -16.20 -1.64
N ILE A 305 -4.46 -16.46 -0.83
CA ILE A 305 -3.76 -15.40 -0.12
C ILE A 305 -2.80 -14.70 -1.07
N LEU A 306 -2.90 -13.37 -1.15
CA LEU A 306 -1.92 -12.57 -1.90
C LEU A 306 -1.04 -11.81 -0.90
N PRO A 307 0.18 -12.26 -0.63
CA PRO A 307 0.93 -11.73 0.53
C PRO A 307 1.40 -10.29 0.42
N ASP A 308 1.67 -9.75 -0.77
CA ASP A 308 2.14 -8.37 -0.86
C ASP A 308 1.91 -7.86 -2.28
N CYS A 309 2.38 -6.64 -2.55
N CYS A 309 2.44 -6.68 -2.57
CA CYS A 309 2.14 -5.93 -3.79
CA CYS A 309 2.12 -5.92 -3.77
C CYS A 309 3.35 -6.00 -4.72
C CYS A 309 3.33 -5.81 -4.70
N GLY A 310 3.08 -5.80 -6.01
CA GLY A 310 4.14 -5.77 -6.99
C GLY A 310 5.01 -4.52 -6.95
N GLU A 311 4.50 -3.41 -6.41
CA GLU A 311 5.30 -2.20 -6.28
C GLU A 311 6.57 -2.45 -5.47
N ARG A 312 6.56 -3.45 -4.61
CA ARG A 312 7.75 -3.76 -3.83
C ARG A 312 8.83 -4.43 -4.66
N TYR A 313 8.53 -4.77 -5.94
CA TYR A 313 9.45 -5.50 -6.80
C TYR A 313 9.79 -4.75 -8.09
N LEU A 314 9.65 -3.43 -8.09
CA LEU A 314 9.95 -2.66 -9.31
C LEU A 314 11.43 -2.74 -9.67
N SER A 315 12.30 -2.96 -8.69
CA SER A 315 13.72 -3.09 -8.96
C SER A 315 14.11 -4.46 -9.48
N THR A 316 13.18 -5.42 -9.52
CA THR A 316 13.43 -6.74 -10.06
C THR A 316 13.02 -6.81 -11.53
N ASP A 317 13.14 -8.02 -12.10
CA ASP A 317 12.72 -8.25 -13.47
C ASP A 317 11.26 -8.67 -13.59
N LEU A 318 10.46 -8.48 -12.55
CA LEU A 318 9.07 -8.94 -12.58
C LEU A 318 8.32 -8.38 -13.78
N TYR A 319 8.47 -7.09 -14.06
CA TYR A 319 7.73 -6.43 -15.13
C TYR A 319 8.62 -6.12 -16.34
N LYS A 320 9.79 -6.75 -16.43
CA LYS A 320 10.64 -6.57 -17.60
C LYS A 320 10.02 -7.23 -18.83
N THR A 321 9.81 -8.55 -18.78
CA THR A 321 9.24 -9.26 -19.91
C THR A 321 7.82 -8.79 -20.16
N ILE A 322 7.47 -8.62 -21.43
CA ILE A 322 6.13 -8.22 -21.85
C ILE A 322 5.52 -9.35 -22.67
N GLU A 323 4.33 -9.79 -22.27
CA GLU A 323 3.57 -10.76 -23.04
C GLU A 323 2.91 -10.05 -24.21
N GLU A 324 3.27 -10.45 -25.43
CA GLU A 324 2.68 -9.85 -26.62
C GLU A 324 1.28 -10.38 -26.90
N GLY A 325 0.97 -11.58 -26.41
CA GLY A 325 -0.28 -12.22 -26.75
C GLY A 325 -1.46 -11.70 -25.96
N THR A 326 -2.63 -12.19 -26.35
CA THR A 326 -3.88 -11.83 -25.71
C THR A 326 -4.06 -12.58 -24.40
N LYS A 327 -5.10 -12.19 -23.67
CA LYS A 327 -5.43 -12.89 -22.43
C LYS A 327 -5.57 -14.39 -22.67
N GLN A 328 -6.30 -14.79 -23.71
CA GLN A 328 -6.48 -16.21 -23.95
C GLN A 328 -5.15 -16.88 -24.26
N GLN A 329 -4.28 -16.22 -25.02
CA GLN A 329 -2.97 -16.82 -25.29
C GLN A 329 -2.18 -16.98 -24.00
N VAL A 330 -2.21 -15.96 -23.13
CA VAL A 330 -1.45 -16.02 -21.89
C VAL A 330 -2.02 -17.09 -20.97
N LEU A 331 -3.34 -17.10 -20.79
CA LEU A 331 -3.94 -18.10 -19.90
C LEU A 331 -3.77 -19.51 -20.46
N ASP A 332 -3.88 -19.67 -21.78
CA ASP A 332 -3.60 -20.99 -22.38
C ASP A 332 -2.19 -21.45 -22.03
N SER A 333 -1.21 -20.54 -22.10
CA SER A 333 0.18 -20.94 -21.86
C SER A 333 0.40 -21.38 -20.43
N LEU A 334 -0.44 -20.90 -19.52
CA LEU A 334 -0.30 -21.23 -18.09
C LEU A 334 -1.20 -22.39 -17.66
N LEU A 335 -2.34 -22.59 -18.33
CA LEU A 335 -3.35 -23.51 -17.85
C LEU A 335 -3.56 -24.75 -18.72
N LEU A 336 -3.29 -24.64 -20.01
CA LEU A 336 -3.43 -25.84 -20.89
C LEU A 336 -2.25 -26.77 -20.63
N HIS A 337 -2.41 -28.01 -21.07
CA HIS A 337 -1.38 -29.07 -20.92
C HIS A 337 -0.80 -29.43 -22.29
N ASN B 3 -5.48 -2.80 26.11
CA ASN B 3 -5.28 -3.74 25.02
C ASN B 3 -5.21 -3.02 23.68
N ILE B 4 -5.03 -3.79 22.60
CA ILE B 4 -4.90 -3.25 21.25
C ILE B 4 -5.77 -4.06 20.32
N THR B 5 -6.76 -3.41 19.72
CA THR B 5 -7.73 -4.05 18.85
C THR B 5 -7.35 -3.74 17.40
N ILE B 6 -6.97 -4.78 16.64
CA ILE B 6 -6.66 -4.56 15.23
C ILE B 6 -7.95 -4.60 14.43
N ASN B 7 -7.83 -4.60 13.10
CA ASN B 7 -9.02 -4.46 12.27
C ASN B 7 -9.94 -5.67 12.39
N THR B 8 -11.21 -5.42 12.15
CA THR B 8 -12.22 -6.47 12.10
C THR B 8 -12.49 -6.84 10.65
N PRO B 9 -13.14 -7.99 10.41
CA PRO B 9 -13.46 -8.35 9.02
C PRO B 9 -14.32 -7.29 8.35
N ARG B 10 -14.14 -7.16 7.04
N ARG B 10 -14.07 -7.09 7.05
CA ARG B 10 -14.95 -6.24 6.26
CA ARG B 10 -14.86 -6.13 6.29
C ARG B 10 -16.35 -6.78 5.98
C ARG B 10 -16.28 -6.62 6.05
N LYS B 11 -16.57 -8.08 6.16
N LYS B 11 -16.52 -7.93 6.20
CA LYS B 11 -17.88 -8.70 5.99
CA LYS B 11 -17.83 -8.53 5.99
C LYS B 11 -18.46 -8.42 4.60
C LYS B 11 -18.38 -8.16 4.61
N ARG B 12 -17.59 -8.47 3.59
CA ARG B 12 -17.97 -8.16 2.23
C ARG B 12 -17.07 -8.96 1.29
N ILE B 13 -17.65 -9.36 0.15
N ILE B 13 -17.63 -9.36 0.15
CA ILE B 13 -16.91 -9.86 -0.99
CA ILE B 13 -16.83 -9.86 -0.96
C ILE B 13 -16.95 -8.76 -2.05
C ILE B 13 -16.92 -8.83 -2.07
N TYR B 14 -15.80 -8.12 -2.27
CA TYR B 14 -15.74 -7.07 -3.28
C TYR B 14 -15.80 -7.68 -4.67
N HIS B 15 -16.54 -7.03 -5.58
CA HIS B 15 -16.67 -7.62 -6.91
C HIS B 15 -15.47 -7.39 -7.80
N ASN B 16 -14.67 -6.36 -7.50
CA ASN B 16 -13.44 -6.08 -8.23
C ASN B 16 -12.67 -5.08 -7.41
N ILE B 17 -11.45 -4.79 -7.86
CA ILE B 17 -10.56 -3.96 -7.05
C ILE B 17 -11.09 -2.54 -6.90
N LEU B 18 -11.90 -2.06 -7.88
CA LEU B 18 -12.39 -0.69 -7.76
C LEU B 18 -13.30 -0.52 -6.56
N GLU B 19 -14.00 -1.58 -6.15
CA GLU B 19 -14.89 -1.50 -5.00
C GLU B 19 -14.15 -1.37 -3.68
N THR B 20 -12.84 -1.58 -3.65
CA THR B 20 -12.05 -1.36 -2.44
C THR B 20 -11.52 0.06 -2.33
N ILE B 21 -11.76 0.91 -3.32
CA ILE B 21 -11.27 2.28 -3.27
C ILE B 21 -11.99 3.05 -2.18
N GLY B 22 -11.24 3.88 -1.47
CA GLY B 22 -11.81 4.69 -0.41
C GLY B 22 -12.02 3.93 0.90
N GLY B 23 -12.89 4.51 1.72
CA GLY B 23 -13.08 4.01 3.07
C GLY B 23 -11.77 3.86 3.83
N THR B 24 -10.90 4.86 3.72
CA THR B 24 -9.55 4.76 4.29
C THR B 24 -9.53 5.10 5.77
N PRO B 25 -8.53 4.61 6.50
CA PRO B 25 -8.54 4.78 7.96
C PRO B 25 -8.20 6.19 8.39
N LEU B 26 -8.78 6.59 9.52
CA LEU B 26 -8.46 7.84 10.20
C LEU B 26 -7.79 7.48 11.53
N VAL B 27 -6.56 7.92 11.72
CA VAL B 27 -5.66 7.44 12.77
C VAL B 27 -5.15 8.59 13.62
N GLU B 28 -5.10 8.39 14.93
CA GLU B 28 -4.53 9.39 15.82
C GLU B 28 -3.01 9.46 15.69
N LEU B 29 -2.48 10.69 15.63
CA LEU B 29 -1.05 10.95 15.84
C LEU B 29 -0.77 11.08 17.34
N HIS B 30 0.39 10.56 17.76
CA HIS B 30 0.79 10.65 19.17
C HIS B 30 2.25 11.02 19.31
N GLY B 31 3.11 10.38 18.52
CA GLY B 31 4.55 10.60 18.67
C GLY B 31 4.95 12.01 18.33
N VAL B 32 4.50 12.51 17.17
CA VAL B 32 4.89 13.85 16.74
C VAL B 32 4.02 14.94 17.32
N THR B 33 2.95 14.60 18.04
CA THR B 33 2.14 15.59 18.76
C THR B 33 2.63 15.82 20.17
N ASP B 34 3.64 15.06 20.61
CA ASP B 34 4.25 15.14 21.94
C ASP B 34 5.20 16.32 21.95
N HIS B 35 4.63 17.52 22.11
CA HIS B 35 5.39 18.76 22.08
C HIS B 35 4.65 19.80 22.91
N PRO B 36 5.36 20.63 23.68
CA PRO B 36 4.67 21.61 24.54
C PRO B 36 3.77 22.56 23.80
N SER B 37 4.01 22.81 22.51
CA SER B 37 3.18 23.74 21.76
C SER B 37 1.76 23.22 21.55
N ILE B 38 1.54 21.91 21.70
CA ILE B 38 0.23 21.32 21.43
C ILE B 38 -0.38 20.84 22.75
N LYS B 39 -1.57 21.35 23.07
CA LYS B 39 -2.26 20.97 24.30
C LYS B 39 -2.75 19.53 24.21
N LYS B 40 -2.81 18.87 25.37
CA LYS B 40 -3.12 17.45 25.41
C LYS B 40 -4.54 17.11 24.98
N ASN B 41 -5.46 18.07 25.03
CA ASN B 41 -6.84 17.80 24.63
C ASN B 41 -7.09 18.08 23.15
N THR B 42 -6.10 18.58 22.42
CA THR B 42 -6.22 18.76 20.99
C THR B 42 -5.98 17.42 20.28
N LYS B 43 -6.82 17.11 19.30
CA LYS B 43 -6.77 15.81 18.63
C LYS B 43 -6.32 16.01 17.19
N ILE B 44 -5.25 15.32 16.80
CA ILE B 44 -4.69 15.46 15.46
C ILE B 44 -4.78 14.10 14.78
N LEU B 45 -5.60 14.01 13.74
CA LEU B 45 -5.92 12.74 13.09
C LEU B 45 -5.43 12.79 11.66
N VAL B 46 -4.89 11.67 11.17
CA VAL B 46 -4.39 11.58 9.80
C VAL B 46 -5.24 10.60 9.01
N LYS B 47 -5.65 11.00 7.81
CA LYS B 47 -6.45 10.14 6.92
C LYS B 47 -5.50 9.53 5.89
N LEU B 48 -5.40 8.20 5.91
CA LEU B 48 -4.32 7.51 5.20
C LEU B 48 -4.79 7.04 3.83
N GLU B 49 -4.61 7.91 2.83
CA GLU B 49 -5.00 7.57 1.47
C GLU B 49 -4.07 6.52 0.88
N CYS B 50 -2.98 6.19 1.56
CA CYS B 50 -2.16 5.06 1.14
CA CYS B 50 -2.17 5.06 1.13
C CYS B 50 -2.92 3.74 1.23
N PHE B 51 -4.06 3.69 1.92
CA PHE B 51 -4.81 2.46 2.03
C PHE B 51 -5.65 2.16 0.80
N ASN B 52 -5.72 3.07 -0.18
CA ASN B 52 -6.33 2.72 -1.45
C ASN B 52 -5.55 1.60 -2.13
N PRO B 53 -6.19 0.82 -3.01
CA PRO B 53 -5.49 -0.35 -3.60
C PRO B 53 -4.19 -0.02 -4.31
N MET B 54 -4.10 1.12 -5.01
CA MET B 54 -2.83 1.55 -5.56
C MET B 54 -2.24 2.72 -4.76
N SER B 55 -2.68 2.86 -3.51
CA SER B 55 -1.91 3.52 -2.45
C SER B 55 -1.78 5.02 -2.62
N SER B 56 -2.73 5.67 -3.28
CA SER B 56 -2.78 7.12 -3.23
C SER B 56 -4.21 7.59 -3.38
N VAL B 57 -4.41 8.86 -3.01
CA VAL B 57 -5.70 9.51 -3.16
C VAL B 57 -6.17 9.51 -4.60
N LYS B 58 -5.24 9.43 -5.56
CA LYS B 58 -5.64 9.47 -6.96
C LYS B 58 -6.38 8.21 -7.41
N ASP B 59 -6.39 7.14 -6.62
CA ASP B 59 -7.30 6.03 -6.91
C ASP B 59 -8.74 6.55 -7.01
N ARG B 60 -9.11 7.44 -6.08
CA ARG B 60 -10.47 7.97 -6.10
C ARG B 60 -10.70 8.82 -7.33
N VAL B 61 -9.70 9.61 -7.70
CA VAL B 61 -9.82 10.59 -8.77
C VAL B 61 -9.89 9.89 -10.11
N GLY B 62 -8.95 8.97 -10.37
CA GLY B 62 -8.97 8.26 -11.64
C GLY B 62 -10.24 7.45 -11.80
N PHE B 63 -10.68 6.82 -10.72
CA PHE B 63 -11.92 6.06 -10.75
C PHE B 63 -13.10 6.96 -11.10
N ASN B 64 -13.28 8.06 -10.38
CA ASN B 64 -14.49 8.84 -10.63
C ASN B 64 -14.45 9.59 -11.95
N ILE B 65 -13.28 10.06 -12.39
CA ILE B 65 -13.20 10.70 -13.70
C ILE B 65 -13.67 9.74 -14.78
N ILE B 66 -13.22 8.49 -14.73
CA ILE B 66 -13.58 7.53 -15.76
C ILE B 66 -15.01 7.03 -15.58
N TYR B 67 -15.41 6.73 -14.34
CA TYR B 67 -16.75 6.22 -14.07
C TYR B 67 -17.81 7.21 -14.51
N GLN B 68 -17.64 8.47 -14.12
CA GLN B 68 -18.66 9.46 -14.47
C GLN B 68 -18.70 9.69 -15.97
N ALA B 69 -17.53 9.67 -16.63
CA ALA B 69 -17.51 9.87 -18.08
C ALA B 69 -18.24 8.74 -18.80
N ILE B 70 -18.08 7.51 -18.31
CA ILE B 70 -18.82 6.40 -18.90
C ILE B 70 -20.31 6.58 -18.69
N LYS B 71 -20.71 6.92 -17.46
CA LYS B 71 -22.13 7.07 -17.16
C LYS B 71 -22.76 8.19 -17.99
N ASP B 72 -22.02 9.28 -18.21
CA ASP B 72 -22.50 10.44 -18.97
C ASP B 72 -22.46 10.23 -20.47
N GLY B 73 -21.80 9.19 -20.94
CA GLY B 73 -21.60 9.02 -22.37
C GLY B 73 -20.45 9.82 -22.95
N ARG B 74 -19.65 10.49 -22.12
CA ARG B 74 -18.50 11.20 -22.62
C ARG B 74 -17.36 10.26 -22.97
N LEU B 75 -17.34 9.08 -22.38
CA LEU B 75 -16.43 8.00 -22.74
C LEU B 75 -17.26 6.84 -23.23
N LYS B 76 -17.02 6.41 -24.47
CA LYS B 76 -17.77 5.38 -25.15
C LYS B 76 -16.83 4.34 -25.73
N PRO B 77 -17.28 3.10 -25.90
CA PRO B 77 -16.41 2.08 -26.50
C PRO B 77 -15.81 2.55 -27.82
N GLY B 78 -14.54 2.23 -28.00
CA GLY B 78 -13.75 2.73 -29.09
C GLY B 78 -12.88 3.92 -28.73
N MET B 79 -13.23 4.64 -27.68
CA MET B 79 -12.46 5.79 -27.23
C MET B 79 -11.36 5.37 -26.26
N GLU B 80 -10.38 6.25 -26.09
CA GLU B 80 -9.25 6.01 -25.21
C GLU B 80 -9.07 7.20 -24.28
N ILE B 81 -8.66 6.92 -23.05
CA ILE B 81 -8.36 7.96 -22.07
C ILE B 81 -6.97 8.51 -22.34
N ILE B 82 -6.76 9.81 -22.11
CA ILE B 82 -5.42 10.39 -22.20
C ILE B 82 -5.23 11.40 -21.07
N GLU B 83 -4.01 11.46 -20.56
CA GLU B 83 -3.61 12.45 -19.57
C GLU B 83 -2.11 12.68 -19.68
N ALA B 84 -1.68 13.91 -19.37
CA ALA B 84 -0.27 14.24 -19.26
C ALA B 84 0.07 14.25 -17.78
N THR B 85 0.80 13.23 -17.33
CA THR B 85 1.08 13.10 -15.91
C THR B 85 2.26 12.16 -15.72
N SER B 86 3.12 12.48 -14.75
N SER B 86 3.12 12.48 -14.76
CA SER B 86 4.20 11.62 -14.33
CA SER B 86 4.18 11.57 -14.33
C SER B 86 3.97 11.09 -12.91
C SER B 86 3.98 11.11 -12.90
N GLY B 87 2.82 11.39 -12.32
CA GLY B 87 2.58 11.06 -10.93
C GLY B 87 1.42 10.13 -10.64
N ASN B 88 0.82 10.29 -9.46
CA ASN B 88 -0.18 9.34 -9.01
C ASN B 88 -1.44 9.36 -9.87
N THR B 89 -1.76 10.49 -10.52
CA THR B 89 -2.95 10.52 -11.36
C THR B 89 -2.89 9.46 -12.44
N GLY B 90 -1.71 9.28 -13.04
CA GLY B 90 -1.57 8.25 -14.05
C GLY B 90 -1.86 6.86 -13.50
N ILE B 91 -1.39 6.59 -12.28
CA ILE B 91 -1.65 5.29 -11.67
C ILE B 91 -3.14 5.09 -11.43
N GLY B 92 -3.81 6.11 -10.89
CA GLY B 92 -5.24 5.98 -10.63
C GLY B 92 -6.05 5.82 -11.90
N LEU B 93 -5.66 6.49 -12.97
CA LEU B 93 -6.37 6.33 -14.23
C LEU B 93 -6.11 4.94 -14.81
N CYS B 94 -4.88 4.45 -14.68
CA CYS B 94 -4.54 3.15 -15.26
C CYS B 94 -5.25 2.02 -14.52
N GLN B 95 -5.37 2.13 -13.20
CA GLN B 95 -6.10 1.12 -12.44
C GLN B 95 -7.57 1.05 -12.89
N ALA B 96 -8.24 2.21 -12.97
CA ALA B 96 -9.63 2.22 -13.35
C ALA B 96 -9.82 1.83 -14.80
N GLY B 97 -8.92 2.28 -15.67
CA GLY B 97 -9.03 1.93 -17.08
C GLY B 97 -8.91 0.43 -17.31
N ALA B 98 -8.00 -0.22 -16.59
CA ALA B 98 -7.83 -1.65 -16.77
C ALA B 98 -9.10 -2.42 -16.40
N VAL B 99 -9.80 -1.99 -15.36
CA VAL B 99 -10.98 -2.74 -14.92
C VAL B 99 -12.20 -2.39 -15.76
N PHE B 100 -12.36 -1.11 -16.12
CA PHE B 100 -13.46 -0.72 -16.98
C PHE B 100 -13.25 -1.16 -18.43
N GLY B 101 -12.04 -1.54 -18.80
CA GLY B 101 -11.78 -2.01 -20.14
C GLY B 101 -11.54 -0.94 -21.18
N TYR B 102 -10.93 0.18 -20.80
CA TYR B 102 -10.61 1.24 -21.75
C TYR B 102 -9.10 1.42 -21.85
N PRO B 103 -8.58 1.67 -23.05
CA PRO B 103 -7.15 2.00 -23.16
C PRO B 103 -6.86 3.32 -22.46
N VAL B 104 -5.68 3.40 -21.84
CA VAL B 104 -5.22 4.61 -21.17
C VAL B 104 -3.88 5.01 -21.78
N ASN B 105 -3.81 6.25 -22.29
CA ASN B 105 -2.58 6.83 -22.82
C ASN B 105 -2.06 7.86 -21.81
N ILE B 106 -0.80 7.69 -21.38
CA ILE B 106 -0.18 8.63 -20.45
C ILE B 106 1.03 9.25 -21.12
N VAL B 107 1.07 10.59 -21.15
CA VAL B 107 2.16 11.34 -21.76
C VAL B 107 3.08 11.84 -20.66
N MET B 108 4.37 11.57 -20.77
N MET B 108 4.37 11.56 -20.78
CA MET B 108 5.35 11.97 -19.77
CA MET B 108 5.35 12.01 -19.79
C MET B 108 6.73 11.99 -20.43
C MET B 108 6.72 12.02 -20.44
N PRO B 109 7.67 12.76 -19.88
CA PRO B 109 9.05 12.71 -20.40
C PRO B 109 9.67 11.35 -20.13
N SER B 110 10.51 10.89 -21.07
CA SER B 110 10.99 9.51 -21.04
C SER B 110 11.76 9.19 -19.77
N THR B 111 12.40 10.19 -19.16
CA THR B 111 13.26 9.98 -18.01
C THR B 111 12.56 10.23 -16.68
N MET B 112 11.26 10.54 -16.70
CA MET B 112 10.54 10.94 -15.49
C MET B 112 9.85 9.74 -14.86
N SER B 113 10.01 9.61 -13.54
N SER B 113 9.94 9.67 -13.52
CA SER B 113 9.31 8.62 -12.72
CA SER B 113 9.40 8.62 -12.66
C SER B 113 9.31 7.23 -13.38
C SER B 113 9.34 7.27 -13.34
N VAL B 114 10.51 6.68 -13.59
CA VAL B 114 10.59 5.41 -14.29
C VAL B 114 9.89 4.30 -13.51
N GLU B 115 9.83 4.40 -12.18
CA GLU B 115 9.07 3.41 -11.41
C GLU B 115 7.58 3.53 -11.68
N ARG B 116 7.07 4.77 -11.75
CA ARG B 116 5.65 4.95 -12.06
C ARG B 116 5.35 4.52 -13.48
N GLN B 117 6.31 4.76 -14.40
CA GLN B 117 6.20 4.21 -15.75
C GLN B 117 5.97 2.72 -15.72
N MET B 118 6.76 2.02 -14.90
CA MET B 118 6.65 0.57 -14.83
C MET B 118 5.30 0.16 -14.24
N ILE B 119 4.83 0.88 -13.23
CA ILE B 119 3.51 0.57 -12.66
C ILE B 119 2.43 0.76 -13.71
N MET B 120 2.47 1.90 -14.43
CA MET B 120 1.43 2.15 -15.42
C MET B 120 1.50 1.17 -16.58
N LYS B 121 2.71 0.88 -17.07
CA LYS B 121 2.85 -0.13 -18.12
C LYS B 121 2.32 -1.49 -17.66
N ALA B 122 2.53 -1.83 -16.38
CA ALA B 122 2.04 -3.13 -15.89
C ALA B 122 0.52 -3.21 -15.95
N PHE B 123 -0.17 -2.08 -15.73
CA PHE B 123 -1.62 -2.00 -15.88
C PHE B 123 -2.08 -1.96 -17.32
N GLY B 124 -1.16 -2.01 -18.29
CA GLY B 124 -1.54 -2.00 -19.68
C GLY B 124 -1.57 -0.64 -20.32
N ALA B 125 -1.07 0.39 -19.65
CA ALA B 125 -1.08 1.72 -20.23
C ALA B 125 -0.23 1.77 -21.48
N ASN B 126 -0.63 2.64 -22.41
N ASN B 126 -0.62 2.64 -22.41
CA ASN B 126 0.20 3.05 -23.53
CA ASN B 126 0.23 3.01 -23.54
C ASN B 126 0.98 4.29 -23.10
C ASN B 126 0.98 4.27 -23.13
N LEU B 127 2.26 4.13 -22.83
CA LEU B 127 3.09 5.27 -22.47
C LEU B 127 3.54 6.01 -23.71
N VAL B 128 3.30 7.31 -23.73
CA VAL B 128 3.77 8.19 -24.78
C VAL B 128 4.91 8.99 -24.15
N LEU B 129 6.14 8.57 -24.45
CA LEU B 129 7.33 9.13 -23.81
C LEU B 129 7.92 10.19 -24.71
N SER B 130 7.79 11.45 -24.32
CA SER B 130 8.45 12.53 -25.02
C SER B 130 9.94 12.54 -24.68
N ASP B 131 10.70 13.33 -25.44
CA ASP B 131 12.15 13.34 -25.29
C ASP B 131 12.54 13.76 -23.87
N GLY B 132 13.37 12.94 -23.23
CA GLY B 132 13.83 13.28 -21.88
C GLY B 132 14.48 14.64 -21.82
N THR B 133 15.28 14.98 -22.83
CA THR B 133 15.96 16.27 -22.86
C THR B 133 14.99 17.46 -22.87
N LYS B 134 13.72 17.24 -23.22
CA LYS B 134 12.78 18.34 -23.34
C LYS B 134 11.91 18.55 -22.09
N GLY B 135 12.00 17.67 -21.10
CA GLY B 135 11.27 17.91 -19.88
C GLY B 135 9.76 17.90 -20.05
N MET B 136 9.08 18.40 -19.01
CA MET B 136 7.62 18.44 -19.07
C MET B 136 7.08 19.33 -20.17
N PRO B 137 7.70 20.47 -20.53
CA PRO B 137 7.23 21.19 -21.73
C PRO B 137 7.17 20.28 -22.96
N GLY B 138 8.13 19.38 -23.12
CA GLY B 138 8.05 18.41 -24.21
C GLY B 138 6.86 17.49 -24.06
N ALA B 139 6.50 17.12 -22.83
CA ALA B 139 5.34 16.26 -22.63
C ALA B 139 4.05 17.00 -22.91
N ILE B 140 3.92 18.24 -22.43
CA ILE B 140 2.74 19.05 -22.74
C ILE B 140 2.63 19.23 -24.25
N ALA B 141 3.75 19.50 -24.91
CA ALA B 141 3.73 19.69 -26.36
C ALA B 141 3.27 18.42 -27.07
N LYS B 142 3.78 17.26 -26.65
CA LYS B 142 3.37 16.00 -27.27
C LYS B 142 1.90 15.70 -26.98
N TYR B 143 1.44 16.03 -25.78
CA TYR B 143 0.04 15.80 -25.43
C TYR B 143 -0.89 16.62 -26.33
N GLU B 144 -0.60 17.92 -26.46
CA GLU B 144 -1.45 18.79 -27.27
C GLU B 144 -1.47 18.35 -28.72
N GLU B 145 -0.32 17.92 -29.24
CA GLU B 145 -0.27 17.39 -30.60
C GLU B 145 -1.16 16.17 -30.74
N LEU B 146 -1.17 15.30 -29.73
CA LEU B 146 -2.00 14.09 -29.80
C LEU B 146 -3.49 14.43 -29.76
N ILE B 147 -3.89 15.36 -28.89
CA ILE B 147 -5.29 15.74 -28.79
C ILE B 147 -5.77 16.33 -30.10
N LYS B 148 -4.91 17.08 -30.80
CA LYS B 148 -5.30 17.64 -32.09
C LYS B 148 -5.37 16.59 -33.17
N GLN B 149 -4.56 15.54 -33.07
CA GLN B 149 -4.57 14.45 -34.03
C GLN B 149 -5.69 13.44 -33.77
N HIS B 150 -6.34 13.50 -32.61
CA HIS B 150 -7.39 12.55 -32.23
C HIS B 150 -8.47 13.29 -31.45
N PRO B 151 -9.18 14.20 -32.11
CA PRO B 151 -10.15 15.03 -31.37
C PRO B 151 -11.35 14.28 -30.84
N ASN B 152 -11.79 13.21 -31.52
CA ASN B 152 -12.94 12.44 -31.09
C ASN B 152 -12.58 11.12 -30.40
N LYS B 153 -11.39 10.60 -30.67
CA LYS B 153 -11.02 9.30 -30.10
C LYS B 153 -10.57 9.42 -28.65
N TYR B 154 -9.96 10.54 -28.27
CA TYR B 154 -9.38 10.64 -26.94
C TYR B 154 -10.32 11.37 -25.99
N PHE B 155 -10.46 10.82 -24.79
CA PHE B 155 -11.12 11.50 -23.68
C PHE B 155 -10.06 12.07 -22.76
N PRO B 156 -9.96 13.38 -22.61
CA PRO B 156 -8.92 13.97 -21.75
C PRO B 156 -9.36 13.95 -20.29
N ALA B 157 -8.51 13.42 -19.42
CA ALA B 157 -8.88 13.38 -18.01
C ALA B 157 -8.99 14.76 -17.39
N ASN B 158 -8.20 15.73 -17.89
CA ASN B 158 -8.21 17.10 -17.40
C ASN B 158 -8.15 17.19 -15.88
N GLN B 159 -7.10 16.59 -15.31
CA GLN B 159 -7.04 16.44 -13.86
C GLN B 159 -7.11 17.78 -13.11
N PHE B 160 -6.63 18.87 -13.70
CA PHE B 160 -6.60 20.13 -12.95
C PHE B 160 -7.91 20.91 -13.05
N GLY B 161 -8.86 20.46 -13.85
CA GLY B 161 -10.11 21.18 -14.08
C GLY B 161 -11.38 20.33 -14.03
N ASN B 162 -11.22 19.02 -13.98
CA ASN B 162 -12.36 18.13 -14.13
C ASN B 162 -13.19 18.12 -12.85
N PRO B 163 -14.47 18.51 -12.91
CA PRO B 163 -15.29 18.45 -11.69
C PRO B 163 -15.49 17.05 -11.15
N ASP B 164 -15.24 16.01 -11.96
CA ASP B 164 -15.34 14.65 -11.47
C ASP B 164 -14.16 14.27 -10.59
N ASN B 165 -13.07 15.05 -10.66
CA ASN B 165 -12.02 14.95 -9.66
C ASN B 165 -12.54 15.40 -8.30
N THR B 166 -12.98 16.67 -8.21
CA THR B 166 -13.54 17.21 -6.97
C THR B 166 -14.65 16.32 -6.42
N ALA B 167 -15.54 15.84 -7.29
CA ALA B 167 -16.70 15.08 -6.85
C ALA B 167 -16.33 13.75 -6.19
N ALA B 168 -15.15 13.18 -6.50
CA ALA B 168 -14.73 11.95 -5.83
C ALA B 168 -14.70 12.12 -4.33
N HIS B 169 -14.52 13.35 -3.86
CA HIS B 169 -14.29 13.59 -2.45
C HIS B 169 -15.58 13.78 -1.66
N VAL B 170 -16.73 13.58 -2.30
CA VAL B 170 -17.95 13.37 -1.52
C VAL B 170 -17.72 12.20 -0.57
N TYR B 171 -17.05 11.16 -1.05
CA TYR B 171 -16.77 10.00 -0.22
C TYR B 171 -15.73 10.32 0.85
N THR B 172 -14.62 10.96 0.46
CA THR B 172 -13.60 11.34 1.42
C THR B 172 -14.20 12.14 2.57
N ALA B 173 -15.00 13.15 2.22
CA ALA B 173 -15.62 13.99 3.24
C ALA B 173 -16.59 13.20 4.10
N ASN B 174 -17.43 12.36 3.49
CA ASN B 174 -18.38 11.58 4.27
C ASN B 174 -17.65 10.66 5.25
N GLU B 175 -16.55 10.05 4.80
CA GLU B 175 -15.76 9.21 5.70
C GLU B 175 -15.26 10.01 6.89
N ILE B 176 -14.77 11.23 6.66
CA ILE B 176 -14.32 12.06 7.78
C ILE B 176 -15.49 12.40 8.68
N TRP B 177 -16.64 12.76 8.08
CA TRP B 177 -17.81 13.11 8.87
C TRP B 177 -18.24 11.94 9.75
N GLU B 178 -18.34 10.76 9.17
CA GLU B 178 -18.80 9.59 9.93
C GLU B 178 -17.76 9.16 10.97
N ASP B 179 -16.49 9.08 10.56
CA ASP B 179 -15.47 8.57 11.48
C ASP B 179 -15.31 9.48 12.70
N THR B 180 -15.43 10.81 12.51
CA THR B 180 -15.30 11.73 13.64
C THR B 180 -16.62 12.02 14.33
N ASN B 181 -17.70 11.36 13.93
CA ASN B 181 -19.04 11.62 14.52
C ASN B 181 -19.34 13.12 14.46
N GLY B 182 -18.99 13.77 13.36
CA GLY B 182 -19.26 15.18 13.21
C GLY B 182 -18.37 16.11 14.02
N GLU B 183 -17.31 15.59 14.66
CA GLU B 183 -16.46 16.41 15.51
C GLU B 183 -15.38 17.17 14.75
N VAL B 184 -15.13 16.84 13.48
CA VAL B 184 -14.05 17.47 12.71
C VAL B 184 -14.19 18.98 12.77
N ASP B 185 -13.09 19.66 13.09
CA ASP B 185 -13.06 21.11 13.20
C ASP B 185 -12.22 21.78 12.13
N ILE B 186 -11.11 21.16 11.74
CA ILE B 186 -10.19 21.73 10.76
C ILE B 186 -9.81 20.60 9.82
N ILE B 187 -9.78 20.87 8.51
CA ILE B 187 -9.28 19.94 7.51
C ILE B 187 -8.07 20.57 6.85
N VAL B 188 -6.97 19.81 6.77
CA VAL B 188 -5.70 20.29 6.23
C VAL B 188 -5.36 19.44 5.01
N SER B 189 -5.18 20.09 3.86
CA SER B 189 -4.93 19.36 2.62
C SER B 189 -3.86 20.09 1.82
N ALA B 190 -2.78 19.39 1.49
CA ALA B 190 -1.79 19.92 0.55
C ALA B 190 -2.33 19.86 -0.88
N VAL B 191 -2.08 20.91 -1.67
CA VAL B 191 -2.82 21.17 -2.91
C VAL B 191 -1.99 20.81 -4.13
N GLY B 192 -2.50 19.85 -4.92
CA GLY B 192 -1.98 19.57 -6.24
C GLY B 192 -2.98 20.04 -7.28
N THR B 193 -4.00 19.22 -7.56
CA THR B 193 -5.09 19.64 -8.43
C THR B 193 -6.08 20.54 -7.71
N ALA B 194 -6.09 20.50 -6.37
CA ALA B 194 -7.01 21.15 -5.45
C ALA B 194 -8.32 20.38 -5.32
N GLY B 195 -8.47 19.22 -5.98
CA GLY B 195 -9.69 18.44 -5.82
C GLY B 195 -10.00 18.09 -4.38
N THR B 196 -8.97 17.73 -3.61
CA THR B 196 -9.19 17.32 -2.22
C THR B 196 -9.62 18.50 -1.36
N VAL B 197 -8.85 19.59 -1.41
CA VAL B 197 -9.14 20.69 -0.48
C VAL B 197 -10.51 21.29 -0.78
N ILE B 198 -10.84 21.43 -2.06
CA ILE B 198 -12.13 22.01 -2.43
C ILE B 198 -13.26 21.01 -2.23
N GLY B 199 -13.06 19.77 -2.66
CA GLY B 199 -14.11 18.77 -2.51
C GLY B 199 -14.40 18.43 -1.06
N VAL B 200 -13.36 18.16 -0.28
CA VAL B 200 -13.59 17.86 1.13
C VAL B 200 -14.08 19.11 1.85
N GLY B 201 -13.48 20.26 1.55
CA GLY B 201 -13.88 21.49 2.23
C GLY B 201 -15.33 21.84 1.96
N GLU B 202 -15.75 21.78 0.69
CA GLU B 202 -17.14 22.12 0.37
C GLU B 202 -18.11 21.15 1.03
N ASN B 203 -17.78 19.85 1.02
CA ASN B 203 -18.73 18.87 1.52
C ASN B 203 -18.77 18.83 3.04
N LEU B 204 -17.65 19.11 3.71
CA LEU B 204 -17.71 19.24 5.16
C LEU B 204 -18.46 20.51 5.56
N LYS B 205 -18.25 21.61 4.84
CA LYS B 205 -18.89 22.86 5.23
C LYS B 205 -20.39 22.81 5.03
N LYS B 206 -20.86 21.94 4.16
CA LYS B 206 -22.33 21.80 3.99
C LYS B 206 -22.90 21.19 5.26
N LYS B 207 -22.15 20.30 5.90
CA LYS B 207 -22.63 19.65 7.10
C LYS B 207 -22.36 20.46 8.36
N LYS B 208 -21.31 21.28 8.36
CA LYS B 208 -20.87 21.97 9.57
C LYS B 208 -20.15 23.23 9.10
N LYS B 209 -20.87 24.37 9.17
CA LYS B 209 -20.39 25.59 8.51
C LYS B 209 -19.08 26.09 9.07
N GLY B 210 -18.80 25.85 10.35
CA GLY B 210 -17.63 26.34 11.01
C GLY B 210 -16.36 25.56 10.81
N VAL B 211 -16.36 24.52 9.96
CA VAL B 211 -15.13 23.78 9.70
C VAL B 211 -14.16 24.69 8.98
N LYS B 212 -12.93 24.77 9.48
CA LYS B 212 -11.88 25.57 8.88
C LYS B 212 -11.13 24.74 7.85
N VAL B 213 -10.92 25.30 6.67
CA VAL B 213 -10.24 24.62 5.57
C VAL B 213 -8.85 25.22 5.41
N VAL B 214 -7.82 24.39 5.56
CA VAL B 214 -6.44 24.85 5.48
C VAL B 214 -5.80 24.22 4.24
N ALA B 215 -5.37 25.05 3.30
CA ALA B 215 -4.64 24.59 2.12
C ALA B 215 -3.14 24.74 2.36
N VAL B 216 -2.36 23.77 1.88
CA VAL B 216 -0.93 23.73 2.09
C VAL B 216 -0.21 23.73 0.74
N GLU B 217 0.84 24.54 0.64
CA GLU B 217 1.59 24.62 -0.61
C GLU B 217 3.07 24.81 -0.27
N PRO B 218 3.96 24.51 -1.21
CA PRO B 218 5.39 24.72 -0.94
C PRO B 218 5.73 26.18 -0.75
N ALA B 219 6.54 26.45 0.28
CA ALA B 219 6.99 27.82 0.49
C ALA B 219 7.73 28.36 -0.73
N GLU B 220 8.38 27.47 -1.48
CA GLU B 220 9.19 27.84 -2.64
C GLU B 220 8.35 28.06 -3.91
N SER B 221 7.06 27.75 -3.88
CA SER B 221 6.19 27.96 -5.04
C SER B 221 4.77 28.26 -4.54
N ALA B 222 4.65 29.35 -3.79
CA ALA B 222 3.43 29.61 -3.02
C ALA B 222 2.46 30.45 -3.85
N VAL B 223 1.98 29.84 -4.93
CA VAL B 223 1.18 30.59 -5.89
C VAL B 223 -0.21 30.89 -5.37
N LEU B 224 -0.75 30.03 -4.49
CA LEU B 224 -2.05 30.36 -3.88
C LEU B 224 -1.94 31.60 -3.01
N SER B 225 -0.77 31.82 -2.42
CA SER B 225 -0.50 33.02 -1.63
C SER B 225 -0.17 34.24 -2.50
N GLY B 226 -0.17 34.07 -3.82
CA GLY B 226 0.13 35.14 -4.76
C GLY B 226 1.59 35.32 -5.09
N LYS B 227 2.47 34.42 -4.64
CA LYS B 227 3.89 34.47 -4.95
C LYS B 227 4.19 33.79 -6.28
N PRO B 228 5.31 34.12 -6.93
CA PRO B 228 5.62 33.49 -8.22
C PRO B 228 5.85 31.98 -8.07
N LYS B 229 5.59 31.28 -9.16
CA LYS B 229 6.02 29.89 -9.28
C LYS B 229 7.53 29.80 -9.07
N GLY B 230 7.97 28.73 -8.44
CA GLY B 230 9.38 28.46 -8.31
C GLY B 230 9.61 26.98 -8.15
N PRO B 231 10.87 26.55 -8.25
CA PRO B 231 11.18 25.13 -8.09
C PRO B 231 11.08 24.73 -6.64
N HIS B 232 10.64 23.49 -6.42
CA HIS B 232 10.48 22.95 -5.07
C HIS B 232 10.57 21.43 -5.16
N GLY B 233 10.65 20.78 -3.99
CA GLY B 233 10.78 19.34 -4.00
C GLY B 233 9.68 18.55 -3.31
N ILE B 234 8.51 19.15 -3.07
CA ILE B 234 7.41 18.41 -2.45
C ILE B 234 6.59 17.77 -3.56
N GLN B 235 6.97 16.55 -3.93
CA GLN B 235 6.31 15.89 -5.03
C GLN B 235 4.83 15.70 -4.75
N GLY B 236 4.03 15.93 -5.78
CA GLY B 236 2.59 15.77 -5.71
C GLY B 236 1.83 17.08 -5.55
N ILE B 237 2.49 18.13 -5.10
CA ILE B 237 1.83 19.40 -4.90
C ILE B 237 2.65 20.49 -5.59
N GLY B 238 2.21 21.73 -5.42
CA GLY B 238 2.92 22.86 -6.01
C GLY B 238 2.99 22.80 -7.52
N ALA B 239 1.82 22.78 -8.16
CA ALA B 239 1.76 22.69 -9.61
C ALA B 239 2.29 23.93 -10.32
N GLY B 240 2.44 25.04 -9.60
CA GLY B 240 3.01 26.25 -10.19
C GLY B 240 2.00 27.17 -10.83
N PHE B 241 0.72 26.89 -10.68
CA PHE B 241 -0.35 27.73 -11.19
C PHE B 241 -1.57 27.50 -10.31
N VAL B 242 -2.51 28.45 -10.34
CA VAL B 242 -3.75 28.27 -9.62
C VAL B 242 -4.68 27.44 -10.51
N THR B 243 -5.10 26.28 -10.02
CA THR B 243 -5.82 25.35 -10.88
C THR B 243 -7.27 25.77 -11.06
N ASP B 244 -7.88 25.24 -12.13
CA ASP B 244 -9.28 25.56 -12.42
C ASP B 244 -10.21 25.08 -11.31
N ILE B 245 -9.83 24.02 -10.59
CA ILE B 245 -10.66 23.52 -9.50
C ILE B 245 -10.62 24.43 -8.29
N TYR B 246 -9.49 25.10 -8.06
CA TYR B 246 -9.32 25.90 -6.85
C TYR B 246 -10.39 26.99 -6.76
N LYS B 247 -11.00 27.11 -5.58
CA LYS B 247 -11.99 28.14 -5.28
C LYS B 247 -11.54 28.80 -3.98
N LYS B 248 -10.99 30.02 -4.08
CA LYS B 248 -10.41 30.66 -2.91
C LYS B 248 -11.43 30.85 -1.79
N GLU B 249 -12.71 31.02 -2.13
CA GLU B 249 -13.72 31.28 -1.11
C GLU B 249 -13.96 30.06 -0.21
N VAL B 250 -13.56 28.85 -0.63
CA VAL B 250 -13.70 27.66 0.21
C VAL B 250 -12.58 27.57 1.24
N VAL B 251 -11.45 28.22 0.98
CA VAL B 251 -10.25 28.04 1.78
C VAL B 251 -10.14 29.18 2.80
N ASP B 252 -9.89 28.82 4.05
CA ASP B 252 -9.81 29.80 5.13
C ASP B 252 -8.38 30.23 5.45
N GLU B 253 -7.39 29.42 5.13
CA GLU B 253 -6.00 29.72 5.45
C GLU B 253 -5.12 28.96 4.47
N ILE B 254 -4.08 29.62 4.00
CA ILE B 254 -3.03 28.98 3.20
C ILE B 254 -1.76 28.92 4.05
N THR B 255 -1.23 27.73 4.25
CA THR B 255 -0.01 27.58 5.04
C THR B 255 1.12 27.08 4.15
N PRO B 256 2.11 27.91 3.86
CA PRO B 256 3.27 27.45 3.08
C PRO B 256 4.20 26.62 3.96
N ILE B 257 4.78 25.60 3.36
CA ILE B 257 5.70 24.70 4.05
C ILE B 257 6.97 24.57 3.21
N LYS B 258 8.13 24.76 3.85
CA LYS B 258 9.39 24.60 3.13
C LYS B 258 9.61 23.14 2.74
N THR B 259 10.14 22.94 1.53
CA THR B 259 10.47 21.60 1.04
C THR B 259 11.23 20.79 2.07
N GLN B 260 12.31 21.36 2.63
CA GLN B 260 13.14 20.58 3.57
C GLN B 260 12.37 20.24 4.84
N ASP B 261 11.49 21.12 5.29
CA ASP B 261 10.69 20.83 6.48
C ASP B 261 9.68 19.73 6.19
N ALA B 262 9.08 19.72 5.00
CA ALA B 262 8.18 18.64 4.64
C ALA B 262 8.88 17.29 4.71
N TRP B 263 10.11 17.21 4.18
CA TRP B 263 10.84 15.96 4.20
C TRP B 263 11.20 15.56 5.63
N LYS B 264 11.70 16.52 6.41
CA LYS B 264 12.04 16.22 7.80
C LYS B 264 10.82 15.77 8.59
N MET B 265 9.67 16.43 8.38
CA MET B 265 8.44 15.99 9.04
C MET B 265 8.09 14.55 8.66
N ALA B 266 8.20 14.21 7.36
CA ALA B 266 7.85 12.85 6.94
C ALA B 266 8.75 11.83 7.61
N ARG B 267 10.04 12.13 7.75
CA ARG B 267 10.94 11.20 8.44
C ARG B 267 10.56 11.07 9.91
N ALA B 268 10.14 12.16 10.54
CA ALA B 268 9.77 12.10 11.95
C ALA B 268 8.50 11.28 12.16
N VAL B 269 7.54 11.41 11.24
CA VAL B 269 6.28 10.68 11.39
C VAL B 269 6.51 9.18 11.31
N VAL B 270 7.35 8.72 10.37
CA VAL B 270 7.56 7.28 10.32
C VAL B 270 8.37 6.79 11.52
N LYS B 271 9.33 7.60 12.00
CA LYS B 271 10.14 7.14 13.13
C LYS B 271 9.36 7.13 14.44
N TYR B 272 8.51 8.14 14.67
CA TYR B 272 7.88 8.30 15.97
C TYR B 272 6.41 7.93 16.01
N ASP B 273 5.73 7.82 14.87
CA ASP B 273 4.38 7.27 14.82
C ASP B 273 4.28 6.01 14.00
N GLY B 274 5.36 5.59 13.34
CA GLY B 274 5.29 4.36 12.58
C GLY B 274 4.42 4.41 11.34
N ILE B 275 4.16 5.59 10.79
CA ILE B 275 3.36 5.77 9.60
C ILE B 275 4.28 6.27 8.50
N MET B 276 4.44 5.47 7.43
CA MET B 276 5.38 5.81 6.37
C MET B 276 4.62 6.55 5.28
N CYS B 277 4.52 7.87 5.45
CA CYS B 277 3.77 8.72 4.54
C CYS B 277 4.68 9.43 3.56
N GLY B 278 4.10 9.93 2.47
CA GLY B 278 4.86 10.56 1.40
C GLY B 278 5.28 12.00 1.72
N MET B 279 5.88 12.65 0.71
CA MET B 279 6.44 13.98 0.91
C MET B 279 5.36 15.01 1.19
N SER B 280 4.28 15.01 0.39
CA SER B 280 3.20 15.97 0.61
C SER B 280 2.50 15.73 1.94
N SER B 281 2.53 14.47 2.41
CA SER B 281 1.99 14.15 3.72
C SER B 281 2.81 14.80 4.83
N GLY B 282 4.13 14.81 4.67
CA GLY B 282 4.97 15.55 5.59
C GLY B 282 4.63 17.02 5.63
N ALA B 283 4.36 17.62 4.46
CA ALA B 283 3.98 19.03 4.40
C ALA B 283 2.66 19.24 5.12
N ALA B 284 1.67 18.40 4.79
CA ALA B 284 0.36 18.52 5.42
C ALA B 284 0.45 18.34 6.93
N ILE B 285 1.21 17.34 7.39
CA ILE B 285 1.29 17.08 8.83
C ILE B 285 1.94 18.27 9.54
N LEU B 286 3.02 18.82 8.97
CA LEU B 286 3.66 19.96 9.63
C LEU B 286 2.71 21.15 9.70
N ALA B 287 1.98 21.43 8.61
CA ALA B 287 0.98 22.50 8.67
C ALA B 287 -0.07 22.21 9.73
N GLY B 288 -0.44 20.93 9.87
CA GLY B 288 -1.46 20.58 10.85
C GLY B 288 -0.95 20.71 12.28
N LEU B 289 0.33 20.37 12.50
CA LEU B 289 0.91 20.50 13.83
C LEU B 289 1.07 21.97 14.22
N LYS B 290 1.43 22.82 13.26
CA LYS B 290 1.44 24.26 13.51
C LYS B 290 0.04 24.75 13.84
N GLU B 291 -0.95 24.26 13.10
CA GLU B 291 -2.34 24.61 13.41
C GLU B 291 -2.71 24.19 14.83
N ALA B 292 -2.27 22.99 15.24
CA ALA B 292 -2.56 22.46 16.57
C ALA B 292 -1.87 23.25 17.68
N GLY B 293 -0.90 24.10 17.34
CA GLY B 293 -0.23 24.93 18.32
C GLY B 293 -0.84 26.28 18.56
N LYS B 294 -1.87 26.66 17.80
CA LYS B 294 -2.49 27.97 17.95
C LYS B 294 -3.45 27.97 19.11
N VAL B 295 -3.48 29.07 19.87
CA VAL B 295 -4.23 29.09 21.11
C VAL B 295 -5.72 28.92 20.85
N GLU B 296 -6.23 29.48 19.75
CA GLU B 296 -7.66 29.38 19.49
C GLU B 296 -8.08 27.97 19.06
N ASN B 297 -7.13 27.06 18.86
CA ASN B 297 -7.45 25.73 18.37
C ASN B 297 -7.37 24.66 19.46
N GLU B 298 -7.12 25.05 20.70
CA GLU B 298 -7.06 24.08 21.79
C GLU B 298 -8.34 23.24 21.83
N GLY B 299 -8.16 21.91 21.93
CA GLY B 299 -9.28 21.00 22.03
C GLY B 299 -9.96 20.65 20.72
N LYS B 300 -9.53 21.24 19.60
CA LYS B 300 -10.20 20.98 18.35
C LYS B 300 -9.77 19.64 17.77
N THR B 301 -10.59 19.14 16.84
CA THR B 301 -10.29 17.92 16.09
C THR B 301 -9.78 18.35 14.71
N ILE B 302 -8.51 18.08 14.46
CA ILE B 302 -7.81 18.51 13.24
C ILE B 302 -7.55 17.26 12.40
N VAL B 303 -8.08 17.25 11.17
CA VAL B 303 -7.95 16.11 10.27
C VAL B 303 -7.01 16.49 9.13
N ILE B 304 -6.01 15.63 8.87
CA ILE B 304 -4.97 15.91 7.90
C ILE B 304 -5.00 14.81 6.86
N ILE B 305 -5.13 15.19 5.59
CA ILE B 305 -5.05 14.21 4.50
C ILE B 305 -3.60 13.84 4.26
N LEU B 306 -3.32 12.52 4.23
CA LEU B 306 -2.01 12.02 3.83
C LEU B 306 -2.14 11.37 2.47
N PRO B 307 -1.74 12.03 1.38
CA PRO B 307 -2.12 11.54 0.04
C PRO B 307 -1.51 10.22 -0.42
N ASP B 308 -0.31 9.83 0.05
CA ASP B 308 0.28 8.57 -0.42
C ASP B 308 1.37 8.12 0.56
N CYS B 309 2.07 7.06 0.19
N CYS B 309 2.09 7.07 0.17
CA CYS B 309 3.02 6.41 1.08
CA CYS B 309 3.01 6.36 1.05
C CYS B 309 4.45 6.75 0.74
C CYS B 309 4.46 6.70 0.72
N GLY B 310 5.32 6.65 1.75
CA GLY B 310 6.72 6.93 1.55
C GLY B 310 7.45 5.91 0.70
N GLU B 311 6.91 4.69 0.61
CA GLU B 311 7.56 3.66 -0.21
C GLU B 311 7.67 4.09 -1.67
N ARG B 312 6.76 4.94 -2.13
CA ARG B 312 6.81 5.50 -3.47
C ARG B 312 7.95 6.49 -3.67
N TYR B 313 8.71 6.80 -2.62
CA TYR B 313 9.78 7.80 -2.68
C TYR B 313 11.14 7.22 -2.28
N LEU B 314 11.30 5.90 -2.30
CA LEU B 314 12.58 5.31 -1.92
C LEU B 314 13.67 5.64 -2.91
N SER B 315 13.32 6.00 -4.15
CA SER B 315 14.27 6.41 -5.16
C SER B 315 14.81 7.82 -4.92
N THR B 316 14.25 8.55 -3.97
CA THR B 316 14.74 9.87 -3.61
C THR B 316 15.63 9.73 -2.37
N ASP B 317 16.10 10.85 -1.84
CA ASP B 317 16.87 10.80 -0.61
C ASP B 317 16.01 11.01 0.63
N LEU B 318 14.68 10.91 0.49
CA LEU B 318 13.77 11.17 1.61
C LEU B 318 14.17 10.36 2.83
N TYR B 319 14.65 9.14 2.63
CA TYR B 319 15.06 8.29 3.73
C TYR B 319 16.56 8.01 3.75
N LYS B 320 17.33 8.73 2.95
CA LYS B 320 18.78 8.68 3.01
C LYS B 320 19.30 9.69 4.02
N THR B 321 18.80 10.93 3.95
CA THR B 321 19.11 11.94 4.95
C THR B 321 18.67 11.46 6.33
N ILE B 322 19.48 11.77 7.34
CA ILE B 322 19.23 11.30 8.70
C ILE B 322 19.32 12.50 9.65
N GLU B 323 18.28 12.71 10.46
CA GLU B 323 18.36 13.68 11.54
C GLU B 323 19.12 13.06 12.70
N GLU B 324 20.17 13.74 13.13
CA GLU B 324 20.98 13.23 14.23
C GLU B 324 20.31 13.39 15.58
N GLY B 325 19.39 14.34 15.71
CA GLY B 325 18.90 14.71 17.02
C GLY B 325 17.81 13.80 17.53
N THR B 326 17.45 14.04 18.79
CA THR B 326 16.36 13.33 19.45
C THR B 326 15.03 13.82 18.91
N LYS B 327 13.96 13.11 19.29
CA LYS B 327 12.62 13.56 18.89
C LYS B 327 12.38 15.00 19.31
N GLN B 328 12.77 15.35 20.54
CA GLN B 328 12.49 16.73 20.97
C GLN B 328 13.31 17.73 20.16
N GLN B 329 14.55 17.40 19.82
CA GLN B 329 15.33 18.32 18.99
C GLN B 329 14.66 18.50 17.63
N VAL B 330 14.19 17.41 17.05
CA VAL B 330 13.57 17.49 15.73
C VAL B 330 12.26 18.28 15.81
N LEU B 331 11.41 17.97 16.79
CA LEU B 331 10.13 18.67 16.87
C LEU B 331 10.33 20.13 17.23
N ASP B 332 11.29 20.45 18.11
CA ASP B 332 11.60 21.85 18.39
C ASP B 332 12.01 22.59 17.11
N SER B 333 12.84 21.95 16.27
CA SER B 333 13.30 22.61 15.06
C SER B 333 12.16 22.89 14.09
N LEU B 334 11.09 22.12 14.17
CA LEU B 334 9.96 22.25 13.27
C LEU B 334 8.84 23.11 13.82
N LEU B 335 8.63 23.11 15.13
CA LEU B 335 7.42 23.66 15.72
C LEU B 335 7.62 24.92 16.53
N LEU B 336 8.81 25.16 17.08
CA LEU B 336 9.03 26.38 17.83
C LEU B 336 8.92 27.57 16.90
N HIS B 337 8.08 28.55 17.29
CA HIS B 337 7.90 29.73 16.45
C HIS B 337 9.16 30.56 16.36
N HIS B 338 10.02 30.49 17.38
CA HIS B 338 11.29 31.19 17.37
C HIS B 338 12.30 30.45 16.51
N1 PLP C . 5.05 -13.97 0.13
C2 PLP C . 5.60 -12.90 0.77
C2A PLP C . 5.90 -11.67 -0.03
C3 PLP C . 5.86 -12.93 2.12
O3 PLP C . 6.42 -11.85 2.73
C4 PLP C . 5.59 -14.10 2.85
C4A PLP C . 5.92 -14.18 4.30
O4A PLP C . 6.50 -13.24 4.86
C5 PLP C . 5.02 -15.19 2.20
C6 PLP C . 4.75 -15.11 0.85
C5A PLP C . 4.68 -16.51 2.90
O4P PLP C . 3.87 -16.39 4.05
P PLP C . 4.20 -17.35 5.28
O1P PLP C . 5.49 -16.88 5.88
O2P PLP C . 4.33 -18.76 4.75
O3P PLP C . 3.01 -17.21 6.20
N1 PLP D . 0.14 14.58 -2.78
C2 PLP D . 0.16 13.55 -3.68
C2A PLP D . 1.21 12.50 -3.53
C3 PLP D . -0.77 13.49 -4.69
O3 PLP D . -0.73 12.45 -5.59
C4 PLP D . -1.75 14.49 -4.80
C4A PLP D . -2.70 14.50 -5.93
O4A PLP D . -2.64 13.64 -6.82
C5 PLP D . -1.76 15.53 -3.87
C6 PLP D . -0.81 15.56 -2.88
C5A PLP D . -2.76 16.66 -3.95
O4P PLP D . -4.10 16.27 -3.95
P PLP D . -5.10 17.14 -4.84
O1P PLP D . -4.89 18.61 -4.48
O2P PLP D . -4.75 16.91 -6.27
O3P PLP D . -6.48 16.68 -4.51
#